data_1A3W
#
_entry.id   1A3W
#
_cell.length_a   109.400
_cell.length_b   102.700
_cell.length_c   110.900
_cell.angle_alpha   90.00
_cell.angle_beta   112.30
_cell.angle_gamma   90.00
#
_symmetry.space_group_name_H-M   'C 1 2 1'
#
loop_
_entity.id
_entity.type
_entity.pdbx_description
1 polymer 'PYRUVATE KINASE'
2 non-polymer '2-PHOSPHOGLYCOLIC ACID'
3 non-polymer 1,6-di-O-phosphono-beta-D-fructofuranose
4 non-polymer 'MANGANESE (II) ION'
5 non-polymer 'POTASSIUM ION'
#
_entity_poly.entity_id   1
_entity_poly.type   'polypeptide(L)'
_entity_poly.pdbx_seq_one_letter_code
;MSRLERLTSLNVVAGSDLRRTSIIGTIGPKTNNPETLVALRKAGLNIVRMNFSHGSYEYHKSVIDNARKSEELYPGRPLA
IALDTKGPEIRTGTTTNDVDYPIPPNHEMIFTTDDKYAKACDDKIMYVDYKNITKVISAGRIIYVDDGVLSFQVLEVVDD
KTLKVKALNAGKICSHKGVNLPGTDVDLPALSEKDKEDLRFGVKNGVHMVFASFIRTANDVLTIREVLGEQGKDVKIIVK
IENQQGVNNFDEILKVTDGVMVARGDLGIEIPAPEVLAVQKKLIAKSNLAGKPVICATQMLESMTYNPRPTRAEVSDVGN
AILDGADCVMLSGETAKGNYPINAVTTMAETAVIAEQAIAYLPNYDDMRNCTPKPTSTTETVAASAVAAVFEQKAKAIIV
LSTSGTTPRLVSKYRPNCPIILVTRCPRAARFSHLYRGVFPFVFEKEPVSDWTDDVEARINFGIEKAKEFGILKKGDTYV
SIQGFKAGAGHSNTLQVSTV
;
_entity_poly.pdbx_strand_id   A,B
#
# COMPACT_ATOMS: atom_id res chain seq x y z
N SER A 2 13.54 -19.15 0.64
CA SER A 2 12.55 -19.30 -0.45
C SER A 2 11.37 -18.34 -0.25
N ARG A 3 11.57 -17.10 -0.68
CA ARG A 3 10.55 -16.08 -0.57
C ARG A 3 9.21 -16.62 -1.05
N LEU A 4 9.24 -17.43 -2.09
CA LEU A 4 8.05 -18.03 -2.66
C LEU A 4 7.42 -19.02 -1.70
N GLU A 5 8.24 -19.88 -1.10
CA GLU A 5 7.76 -20.87 -0.16
C GLU A 5 7.07 -20.17 1.02
N ARG A 6 7.78 -19.24 1.65
CA ARG A 6 7.24 -18.49 2.77
C ARG A 6 5.94 -17.80 2.38
N LEU A 7 6.01 -16.98 1.33
CA LEU A 7 4.84 -16.25 0.84
C LEU A 7 3.70 -17.20 0.57
N THR A 8 4.03 -18.37 0.07
CA THR A 8 3.02 -19.38 -0.23
C THR A 8 2.36 -19.82 1.07
N SER A 9 3.16 -19.88 2.13
CA SER A 9 2.67 -20.30 3.44
C SER A 9 2.64 -19.15 4.44
N LEU A 10 1.50 -18.46 4.51
CA LEU A 10 1.34 -17.36 5.45
C LEU A 10 0.21 -17.68 6.42
N SER A 16 -1.59 -15.10 19.98
CA SER A 16 -0.79 -14.33 18.99
C SER A 16 0.28 -13.51 19.70
N ASP A 17 1.08 -12.82 18.90
CA ASP A 17 2.17 -12.00 19.44
C ASP A 17 1.75 -10.55 19.64
N LEU A 18 2.54 -9.81 20.41
CA LEU A 18 2.28 -8.42 20.70
C LEU A 18 2.84 -7.56 19.58
N ARG A 19 2.04 -6.63 19.07
CA ARG A 19 2.49 -5.75 18.01
C ARG A 19 3.81 -5.16 18.47
N ARG A 20 4.76 -5.01 17.54
CA ARG A 20 6.08 -4.48 17.88
C ARG A 20 6.43 -3.16 17.20
N THR A 21 5.49 -2.59 16.47
CA THR A 21 5.75 -1.33 15.79
C THR A 21 4.91 -0.19 16.37
N SER A 22 5.59 0.86 16.77
CA SER A 22 4.95 2.02 17.36
C SER A 22 3.90 2.60 16.42
N ILE A 23 3.04 3.44 16.99
CA ILE A 23 1.99 4.08 16.25
C ILE A 23 1.91 5.54 16.72
N ILE A 24 2.68 6.40 16.06
CA ILE A 24 2.70 7.82 16.41
C ILE A 24 1.32 8.41 16.11
N GLY A 25 0.88 9.36 16.93
CA GLY A 25 -0.42 9.96 16.70
C GLY A 25 -0.44 11.47 16.84
N THR A 26 -0.83 12.17 15.79
CA THR A 26 -0.90 13.62 15.83
C THR A 26 -2.19 14.01 16.55
N ILE A 27 -2.03 14.67 17.68
CA ILE A 27 -3.17 15.08 18.48
C ILE A 27 -3.72 16.44 18.07
N GLY A 28 -5.02 16.46 17.78
CA GLY A 28 -5.68 17.69 17.40
C GLY A 28 -6.74 18.07 18.41
N PRO A 29 -7.38 19.24 18.25
CA PRO A 29 -8.41 19.68 19.19
C PRO A 29 -9.38 18.57 19.59
N LYS A 30 -9.92 17.86 18.60
CA LYS A 30 -10.87 16.78 18.85
C LYS A 30 -10.32 15.65 19.70
N THR A 31 -9.00 15.61 19.88
CA THR A 31 -8.37 14.56 20.67
C THR A 31 -7.63 15.13 21.87
N ASN A 32 -7.58 16.45 21.96
CA ASN A 32 -6.89 17.13 23.05
C ASN A 32 -7.57 17.04 24.42
N ASN A 33 -7.67 15.84 24.97
CA ASN A 33 -8.31 15.64 26.27
C ASN A 33 -8.01 14.26 26.84
N PRO A 34 -7.40 14.20 28.04
CA PRO A 34 -7.05 12.95 28.73
C PRO A 34 -7.93 11.76 28.42
N GLU A 35 -9.24 11.90 28.63
CA GLU A 35 -10.17 10.82 28.36
C GLU A 35 -9.91 10.24 26.98
N THR A 36 -10.01 11.09 25.96
CA THR A 36 -9.78 10.66 24.58
C THR A 36 -8.31 10.24 24.45
N LEU A 37 -7.42 11.15 24.82
CA LEU A 37 -5.98 10.89 24.75
C LEU A 37 -5.66 9.53 25.37
N VAL A 38 -6.47 9.10 26.32
CA VAL A 38 -6.26 7.82 26.96
C VAL A 38 -6.73 6.73 26.01
N ALA A 39 -8.01 6.81 25.64
CA ALA A 39 -8.62 5.85 24.74
C ALA A 39 -7.72 5.59 23.54
N LEU A 40 -7.04 6.63 23.09
CA LEU A 40 -6.14 6.55 21.95
C LEU A 40 -4.98 5.63 22.33
N ARG A 41 -4.43 5.87 23.51
CA ARG A 41 -3.31 5.06 24.00
C ARG A 41 -3.78 3.63 24.24
N LYS A 42 -5.04 3.49 24.62
CA LYS A 42 -5.61 2.17 24.88
C LYS A 42 -5.68 1.37 23.58
N ALA A 43 -5.96 2.08 22.48
CA ALA A 43 -6.04 1.44 21.17
C ALA A 43 -4.67 0.94 20.79
N GLY A 44 -3.65 1.76 21.07
CA GLY A 44 -2.28 1.40 20.76
C GLY A 44 -1.40 2.60 20.51
N LEU A 45 -1.90 3.79 20.88
CA LEU A 45 -1.12 5.00 20.68
C LEU A 45 0.11 4.98 21.56
N ASN A 46 1.24 5.38 21.00
CA ASN A 46 2.50 5.40 21.73
C ASN A 46 3.09 6.80 21.72
N ILE A 47 3.81 7.15 20.66
CA ILE A 47 4.39 8.48 20.57
C ILE A 47 3.25 9.43 20.24
N VAL A 48 3.40 10.69 20.63
CA VAL A 48 2.38 11.69 20.36
C VAL A 48 3.00 12.80 19.52
N ARG A 49 2.46 13.00 18.31
CA ARG A 49 2.98 14.02 17.41
C ARG A 49 2.40 15.39 17.75
N MET A 50 3.27 16.39 17.72
CA MET A 50 2.87 17.76 18.01
C MET A 50 3.20 18.61 16.81
N ASN A 51 2.26 18.71 15.88
CA ASN A 51 2.45 19.50 14.69
C ASN A 51 2.44 20.98 15.05
N PHE A 52 3.62 21.56 15.17
CA PHE A 52 3.75 22.97 15.52
C PHE A 52 3.53 23.89 14.32
N SER A 53 2.93 23.33 13.26
CA SER A 53 2.66 24.10 12.06
C SER A 53 1.48 25.00 12.38
N HIS A 54 0.57 24.48 13.18
CA HIS A 54 -0.62 25.20 13.58
C HIS A 54 -0.77 25.17 15.10
N GLY A 55 -1.23 26.27 15.67
CA GLY A 55 -1.42 26.32 17.11
C GLY A 55 -0.42 27.17 17.85
N SER A 56 -0.88 27.78 18.94
CA SER A 56 -0.03 28.62 19.77
C SER A 56 0.62 27.80 20.89
N TYR A 57 1.57 28.41 21.59
CA TYR A 57 2.28 27.74 22.67
C TYR A 57 1.35 27.15 23.72
N GLU A 58 0.12 27.64 23.78
CA GLU A 58 -0.86 27.13 24.72
C GLU A 58 -1.65 26.06 23.99
N TYR A 59 -1.71 26.20 22.67
CA TYR A 59 -2.41 25.25 21.82
C TYR A 59 -1.69 23.90 21.93
N HIS A 60 -0.44 23.96 22.38
CA HIS A 60 0.39 22.77 22.54
C HIS A 60 0.67 22.45 24.01
N LYS A 61 1.01 23.47 24.78
CA LYS A 61 1.28 23.27 26.20
C LYS A 61 0.08 22.60 26.86
N SER A 62 -1.05 22.64 26.17
CA SER A 62 -2.29 22.03 26.65
C SER A 62 -2.25 20.54 26.39
N VAL A 63 -1.62 20.16 25.29
CA VAL A 63 -1.50 18.75 24.92
C VAL A 63 -0.44 18.06 25.78
N ILE A 64 0.68 18.72 25.96
CA ILE A 64 1.77 18.16 26.75
C ILE A 64 1.27 17.74 28.13
N ASP A 65 0.32 18.51 28.67
CA ASP A 65 -0.24 18.22 29.99
C ASP A 65 -1.29 17.12 29.94
N ASN A 66 -2.22 17.24 28.99
CA ASN A 66 -3.28 16.25 28.83
C ASN A 66 -2.64 14.89 28.60
N ALA A 67 -1.53 14.89 27.88
CA ALA A 67 -0.79 13.67 27.60
C ALA A 67 -0.33 13.11 28.94
N ARG A 68 0.39 13.94 29.68
CA ARG A 68 0.91 13.57 30.99
C ARG A 68 -0.24 13.08 31.89
N LYS A 69 -1.42 13.64 31.66
CA LYS A 69 -2.61 13.28 32.42
C LYS A 69 -3.00 11.83 32.15
N SER A 70 -3.09 11.49 30.88
CA SER A 70 -3.45 10.14 30.44
C SER A 70 -2.66 9.09 31.17
N GLU A 71 -1.40 9.40 31.48
CA GLU A 71 -0.56 8.45 32.19
C GLU A 71 -1.10 8.37 33.62
N GLU A 72 -1.38 9.53 34.20
CA GLU A 72 -1.92 9.60 35.55
C GLU A 72 -3.20 8.78 35.63
N LEU A 73 -4.19 9.15 34.83
CA LEU A 73 -5.47 8.47 34.79
C LEU A 73 -5.22 6.98 34.64
N TYR A 74 -4.24 6.65 33.79
CA TYR A 74 -3.86 5.27 33.55
C TYR A 74 -2.54 5.13 32.82
N PRO A 75 -1.49 4.76 33.55
CA PRO A 75 -0.12 4.56 33.06
C PRO A 75 -0.01 3.83 31.72
N GLY A 76 -0.35 2.54 31.73
CA GLY A 76 -0.27 1.76 30.50
C GLY A 76 1.13 1.62 29.95
N ARG A 77 1.44 2.41 28.92
CA ARG A 77 2.75 2.39 28.29
C ARG A 77 3.31 3.81 28.17
N PRO A 78 4.52 4.04 28.71
CA PRO A 78 5.20 5.33 28.69
C PRO A 78 4.87 6.24 27.48
N LEU A 79 3.79 7.00 27.60
CA LEU A 79 3.36 7.90 26.53
C LEU A 79 4.46 8.89 26.13
N ALA A 80 4.91 8.80 24.89
CA ALA A 80 5.95 9.69 24.39
C ALA A 80 5.34 10.97 23.82
N ILE A 81 6.13 12.03 23.78
CA ILE A 81 5.68 13.32 23.28
C ILE A 81 6.69 13.92 22.29
N ALA A 82 6.33 13.92 21.02
CA ALA A 82 7.21 14.47 19.99
C ALA A 82 6.82 15.88 19.60
N LEU A 83 7.77 16.61 19.04
CA LEU A 83 7.55 18.00 18.63
C LEU A 83 7.87 18.19 17.15
N ASP A 84 6.85 18.20 16.31
CA ASP A 84 7.06 18.37 14.87
C ASP A 84 7.24 19.83 14.50
N THR A 85 8.48 20.24 14.32
CA THR A 85 8.77 21.61 13.95
C THR A 85 8.09 21.96 12.64
N LYS A 86 7.71 23.22 12.49
CA LYS A 86 7.07 23.70 11.27
C LYS A 86 8.20 24.36 10.49
N GLY A 87 9.03 23.54 9.87
CA GLY A 87 10.18 24.03 9.12
C GLY A 87 9.98 25.20 8.17
N PRO A 88 10.90 25.37 7.21
CA PRO A 88 10.81 26.47 6.25
C PRO A 88 9.76 26.22 5.16
N GLU A 89 8.47 26.32 5.50
CA GLU A 89 7.39 26.09 4.53
C GLU A 89 6.80 27.40 4.02
N ILE A 90 6.28 27.35 2.80
CA ILE A 90 5.66 28.51 2.17
C ILE A 90 4.16 28.37 2.27
N ARG A 91 3.45 29.49 2.31
CA ARG A 91 1.99 29.45 2.42
C ARG A 91 1.34 30.66 1.75
N THR A 92 0.17 30.42 1.15
CA THR A 92 -0.56 31.47 0.46
C THR A 92 -1.25 32.39 1.46
N GLY A 93 -1.60 33.58 1.00
CA GLY A 93 -2.27 34.55 1.86
C GLY A 93 -3.74 34.24 2.01
N THR A 94 -4.50 35.23 2.48
CA THR A 94 -5.95 35.09 2.68
C THR A 94 -6.74 35.78 1.58
N THR A 95 -7.82 35.14 1.14
CA THR A 95 -8.66 35.70 0.09
C THR A 95 -9.30 37.01 0.53
N THR A 96 -10.02 37.63 -0.39
CA THR A 96 -10.71 38.90 -0.11
C THR A 96 -11.61 38.78 1.12
N ASN A 97 -12.60 37.90 1.03
CA ASN A 97 -13.53 37.71 2.14
C ASN A 97 -13.91 36.27 2.42
N ASP A 98 -13.13 35.66 3.31
CA ASP A 98 -13.34 34.28 3.74
C ASP A 98 -13.20 33.29 2.60
N VAL A 99 -13.05 32.03 2.97
CA VAL A 99 -12.91 30.94 2.01
C VAL A 99 -13.81 31.15 0.79
N ASP A 100 -13.31 31.88 -0.19
CA ASP A 100 -14.08 32.14 -1.40
C ASP A 100 -14.06 30.90 -2.29
N TYR A 101 -14.61 31.04 -3.50
CA TYR A 101 -14.63 29.92 -4.43
C TYR A 101 -14.11 30.35 -5.81
N PRO A 102 -12.95 31.03 -5.86
CA PRO A 102 -12.40 31.45 -7.14
C PRO A 102 -11.76 30.25 -7.83
N ILE A 103 -12.38 29.77 -8.89
CA ILE A 103 -11.87 28.58 -9.57
C ILE A 103 -11.09 28.83 -10.86
N PRO A 104 -9.76 28.87 -10.77
CA PRO A 104 -8.95 29.10 -11.98
C PRO A 104 -9.00 27.87 -12.88
N PRO A 105 -9.25 28.07 -14.20
CA PRO A 105 -9.33 27.00 -15.19
C PRO A 105 -8.05 26.80 -16.04
N ASN A 106 -7.25 27.87 -16.17
CA ASN A 106 -6.01 27.85 -16.95
C ASN A 106 -5.53 29.28 -17.17
N HIS A 107 -6.12 30.21 -16.43
CA HIS A 107 -5.77 31.62 -16.54
C HIS A 107 -4.51 31.98 -15.75
N GLU A 108 -3.83 33.03 -16.20
CA GLU A 108 -2.61 33.48 -15.53
C GLU A 108 -3.01 34.49 -14.45
N MET A 109 -2.05 34.91 -13.64
CA MET A 109 -2.32 35.86 -12.57
C MET A 109 -1.04 36.25 -11.84
N ILE A 110 -1.10 37.35 -11.09
CA ILE A 110 0.05 37.85 -10.35
C ILE A 110 0.18 37.19 -8.97
N PHE A 111 1.43 37.09 -8.52
CA PHE A 111 1.76 36.52 -7.22
C PHE A 111 2.67 37.54 -6.53
N THR A 112 2.18 38.14 -5.45
CA THR A 112 2.94 39.14 -4.72
C THR A 112 3.47 38.63 -3.39
N THR A 113 4.25 39.46 -2.72
CA THR A 113 4.83 39.13 -1.42
C THR A 113 5.05 40.39 -0.58
N ASP A 114 4.23 41.41 -0.79
CA ASP A 114 4.37 42.67 -0.03
C ASP A 114 3.28 42.93 1.01
N ASP A 115 2.61 41.87 1.45
CA ASP A 115 1.55 41.94 2.45
C ASP A 115 0.36 42.81 2.07
N LYS A 116 0.55 43.73 1.14
CA LYS A 116 -0.51 44.62 0.71
C LYS A 116 -1.79 43.88 0.33
N TYR A 117 -1.63 42.71 -0.27
CA TYR A 117 -2.79 41.92 -0.69
C TYR A 117 -2.91 40.63 0.14
N ALA A 118 -2.07 40.52 1.15
CA ALA A 118 -2.05 39.34 2.02
C ALA A 118 -3.41 38.89 2.54
N LYS A 119 -4.32 39.84 2.78
CA LYS A 119 -5.64 39.50 3.29
C LYS A 119 -6.75 39.89 2.32
N ALA A 120 -6.45 39.87 1.03
CA ALA A 120 -7.43 40.22 0.01
C ALA A 120 -7.12 39.54 -1.31
N CYS A 121 -6.07 38.72 -1.32
CA CYS A 121 -5.69 38.02 -2.54
C CYS A 121 -6.86 37.20 -3.08
N ASP A 122 -7.13 37.32 -4.37
CA ASP A 122 -8.22 36.59 -4.99
C ASP A 122 -8.18 36.68 -6.52
N ASP A 123 -8.24 35.53 -7.17
CA ASP A 123 -8.24 35.44 -8.63
C ASP A 123 -7.14 36.26 -9.30
N LYS A 124 -7.44 37.53 -9.56
CA LYS A 124 -6.49 38.43 -10.20
C LYS A 124 -5.26 38.70 -9.35
N ILE A 125 -5.02 37.86 -8.35
CA ILE A 125 -3.87 38.01 -7.46
C ILE A 125 -3.88 36.93 -6.39
N MET A 126 -2.72 36.69 -5.78
CA MET A 126 -2.61 35.68 -4.72
C MET A 126 -1.25 35.79 -4.03
N TYR A 127 -1.23 35.58 -2.71
CA TYR A 127 0.01 35.71 -1.95
C TYR A 127 0.77 34.44 -1.62
N VAL A 128 2.04 34.62 -1.26
CA VAL A 128 2.92 33.51 -0.91
C VAL A 128 3.88 33.94 0.21
N ASP A 129 4.11 33.04 1.16
CA ASP A 129 5.00 33.28 2.29
C ASP A 129 6.40 33.70 1.87
N TYR A 130 7.03 32.88 1.04
CA TYR A 130 8.38 33.15 0.56
C TYR A 130 8.53 34.57 -0.01
N LYS A 131 9.02 35.48 0.81
CA LYS A 131 9.22 36.87 0.42
C LYS A 131 10.36 36.96 -0.59
N ASN A 132 11.27 36.00 -0.54
CA ASN A 132 12.42 35.98 -1.44
C ASN A 132 12.23 35.05 -2.62
N ILE A 133 11.02 34.51 -2.77
CA ILE A 133 10.72 33.60 -3.86
C ILE A 133 11.10 34.22 -5.20
N THR A 134 10.97 35.54 -5.30
CA THR A 134 11.28 36.26 -6.53
C THR A 134 12.74 36.04 -6.98
N LYS A 135 13.59 35.65 -6.03
CA LYS A 135 15.00 35.42 -6.33
C LYS A 135 15.31 33.97 -6.64
N VAL A 136 14.74 33.05 -5.88
CA VAL A 136 14.97 31.63 -6.09
C VAL A 136 14.27 31.06 -7.31
N ILE A 137 13.02 31.46 -7.51
CA ILE A 137 12.23 31.00 -8.65
C ILE A 137 12.47 31.82 -9.90
N SER A 138 12.39 31.15 -11.05
CA SER A 138 12.59 31.78 -12.34
C SER A 138 11.54 31.24 -13.30
N ALA A 139 11.37 31.91 -14.44
CA ALA A 139 10.40 31.47 -15.43
C ALA A 139 10.56 29.98 -15.72
N GLY A 140 9.45 29.29 -15.93
CA GLY A 140 9.50 27.87 -16.23
C GLY A 140 9.20 26.99 -15.02
N ARG A 141 9.40 27.53 -13.82
CA ARG A 141 9.16 26.79 -12.59
C ARG A 141 7.68 26.52 -12.32
N ILE A 142 7.39 25.31 -11.86
CA ILE A 142 6.03 24.92 -11.53
C ILE A 142 5.84 25.10 -10.04
N ILE A 143 4.60 25.40 -9.63
CA ILE A 143 4.29 25.59 -8.23
C ILE A 143 2.97 24.94 -7.83
N TYR A 144 3.06 23.88 -7.03
CA TYR A 144 1.88 23.18 -6.57
C TYR A 144 1.31 23.89 -5.36
N VAL A 145 -0.01 23.89 -5.24
CA VAL A 145 -0.67 24.53 -4.11
C VAL A 145 -1.72 23.61 -3.50
N ASP A 146 -1.67 23.48 -2.17
CA ASP A 146 -2.61 22.63 -1.45
C ASP A 146 -2.51 21.16 -1.84
N ASP A 147 -1.83 20.38 -1.02
CA ASP A 147 -1.67 18.94 -1.27
C ASP A 147 -1.14 18.68 -2.67
N GLY A 148 -0.55 19.70 -3.28
CA GLY A 148 -0.02 19.56 -4.62
C GLY A 148 -1.15 19.28 -5.61
N VAL A 149 -2.14 20.16 -5.62
CA VAL A 149 -3.28 20.02 -6.52
C VAL A 149 -3.19 20.98 -7.69
N LEU A 150 -3.14 22.28 -7.37
CA LEU A 150 -3.04 23.31 -8.38
C LEU A 150 -1.61 23.47 -8.88
N SER A 151 -1.41 23.25 -10.18
CA SER A 151 -0.11 23.39 -10.80
C SER A 151 -0.02 24.72 -11.54
N PHE A 152 0.97 25.52 -11.19
CA PHE A 152 1.18 26.82 -11.83
C PHE A 152 2.44 26.76 -12.67
N GLN A 153 2.62 27.73 -13.56
CA GLN A 153 3.80 27.77 -14.41
C GLN A 153 4.32 29.20 -14.55
N VAL A 154 5.32 29.54 -13.76
CA VAL A 154 5.91 30.87 -13.78
C VAL A 154 6.20 31.32 -15.21
N LEU A 155 5.33 32.19 -15.73
CA LEU A 155 5.51 32.69 -17.09
C LEU A 155 6.71 33.63 -17.15
N GLU A 156 6.84 34.47 -16.13
CA GLU A 156 7.94 35.42 -16.08
C GLU A 156 8.03 36.14 -14.72
N VAL A 157 9.26 36.29 -14.24
CA VAL A 157 9.50 36.97 -12.97
C VAL A 157 9.39 38.47 -13.26
N VAL A 158 8.41 39.13 -12.65
CA VAL A 158 8.23 40.55 -12.88
C VAL A 158 8.52 41.40 -11.65
N ASP A 159 8.49 40.78 -10.47
CA ASP A 159 8.76 41.47 -9.21
C ASP A 159 9.86 42.52 -9.31
N THR A 162 5.96 39.71 -6.94
CA THR A 162 5.21 40.19 -8.13
C THR A 162 5.57 39.39 -9.38
N LEU A 163 5.77 38.09 -9.22
CA LEU A 163 6.12 37.25 -10.36
C LEU A 163 4.88 36.70 -11.05
N LYS A 164 4.93 36.64 -12.37
CA LYS A 164 3.81 36.15 -13.17
C LYS A 164 3.79 34.63 -13.27
N VAL A 165 2.61 34.05 -13.08
CA VAL A 165 2.42 32.62 -13.17
C VAL A 165 1.16 32.30 -13.96
N LYS A 166 0.86 31.02 -14.14
CA LYS A 166 -0.33 30.62 -14.88
C LYS A 166 -0.81 29.23 -14.45
N ALA A 167 -2.10 29.13 -14.14
CA ALA A 167 -2.70 27.88 -13.73
C ALA A 167 -2.54 26.85 -14.84
N LEU A 168 -2.58 25.58 -14.47
CA LEU A 168 -2.45 24.50 -15.44
C LEU A 168 -3.65 23.58 -15.31
N ASN A 169 -4.18 23.47 -14.10
CA ASN A 169 -5.33 22.63 -13.84
C ASN A 169 -6.42 23.47 -13.17
N ALA A 170 -7.64 22.95 -13.16
CA ALA A 170 -8.76 23.65 -12.55
C ALA A 170 -8.59 23.76 -11.05
N GLY A 171 -9.69 23.60 -10.31
CA GLY A 171 -9.65 23.69 -8.87
C GLY A 171 -9.73 25.12 -8.40
N LYS A 172 -10.48 25.35 -7.31
CA LYS A 172 -10.63 26.69 -6.77
C LYS A 172 -9.40 27.09 -5.96
N ILE A 173 -9.11 28.38 -5.92
CA ILE A 173 -7.97 28.91 -5.18
C ILE A 173 -8.42 29.38 -3.80
N CYS A 174 -8.25 28.52 -2.80
CA CYS A 174 -8.63 28.82 -1.42
C CYS A 174 -7.61 29.65 -0.66
N SER A 175 -7.84 29.85 0.63
CA SER A 175 -6.96 30.66 1.46
C SER A 175 -6.02 29.87 2.38
N HIS A 176 -4.79 30.39 2.52
CA HIS A 176 -3.76 29.79 3.36
C HIS A 176 -3.51 28.30 3.15
N LYS A 177 -2.95 27.95 2.00
CA LYS A 177 -2.63 26.58 1.67
C LYS A 177 -1.14 26.49 1.42
N GLY A 178 -0.61 25.27 1.40
CA GLY A 178 0.82 25.09 1.17
C GLY A 178 1.24 25.42 -0.25
N VAL A 179 2.42 26.02 -0.40
CA VAL A 179 2.95 26.37 -1.71
C VAL A 179 4.22 25.58 -1.99
N ASN A 180 4.05 24.42 -2.60
CA ASN A 180 5.19 23.57 -2.93
C ASN A 180 5.77 23.95 -4.28
N LEU A 181 7.04 24.36 -4.31
CA LEU A 181 7.69 24.74 -5.55
C LEU A 181 8.85 23.80 -5.89
N PRO A 182 8.53 22.59 -6.36
CA PRO A 182 9.57 21.60 -6.71
C PRO A 182 10.56 22.12 -7.75
N GLY A 183 11.80 21.65 -7.66
CA GLY A 183 12.82 22.06 -8.60
C GLY A 183 13.41 23.42 -8.31
N THR A 184 13.27 23.89 -7.07
CA THR A 184 13.81 25.18 -6.68
C THR A 184 14.57 25.12 -5.36
N ASP A 185 15.85 25.47 -5.39
CA ASP A 185 16.67 25.44 -4.18
C ASP A 185 16.38 26.67 -3.32
N VAL A 186 15.41 26.53 -2.42
CA VAL A 186 15.02 27.63 -1.54
C VAL A 186 16.13 28.00 -0.57
N ASP A 187 16.37 29.30 -0.45
CA ASP A 187 17.42 29.79 0.45
C ASP A 187 16.89 29.91 1.87
N LEU A 188 15.92 29.06 2.22
CA LEU A 188 15.33 29.09 3.54
C LEU A 188 16.08 28.18 4.51
N PRO A 189 16.12 28.55 5.80
CA PRO A 189 16.81 27.76 6.83
C PRO A 189 15.89 26.71 7.46
N ALA A 190 16.40 25.50 7.64
CA ALA A 190 15.62 24.42 8.23
C ALA A 190 15.14 24.82 9.62
N LEU A 191 15.78 25.86 10.18
CA LEU A 191 15.41 26.36 11.50
C LEU A 191 15.24 27.87 11.45
N SER A 192 14.00 28.33 11.67
CA SER A 192 13.70 29.75 11.63
C SER A 192 13.80 30.37 13.02
N GLU A 193 13.80 31.70 13.07
CA GLU A 193 13.89 32.43 14.33
C GLU A 193 12.83 31.95 15.30
N LYS A 194 11.62 31.76 14.79
CA LYS A 194 10.50 31.29 15.59
C LYS A 194 10.66 29.80 15.88
N ASP A 195 11.15 29.06 14.88
CA ASP A 195 11.35 27.63 15.00
C ASP A 195 12.12 27.27 16.27
N LYS A 196 13.18 28.02 16.55
CA LYS A 196 14.00 27.78 17.73
C LYS A 196 13.18 27.93 19.01
N GLU A 197 12.36 28.98 19.08
CA GLU A 197 11.53 29.21 20.25
C GLU A 197 10.70 27.97 20.55
N ASP A 198 10.24 27.30 19.50
CA ASP A 198 9.44 26.11 19.65
C ASP A 198 10.29 24.99 20.21
N LEU A 199 11.55 24.92 19.78
CA LEU A 199 12.45 23.88 20.26
C LEU A 199 12.76 24.12 21.74
N ARG A 200 13.19 25.34 22.05
CA ARG A 200 13.52 25.71 23.43
C ARG A 200 12.29 25.46 24.31
N PHE A 201 11.12 25.65 23.72
CA PHE A 201 9.86 25.44 24.43
C PHE A 201 9.68 23.94 24.65
N GLY A 202 9.87 23.17 23.58
CA GLY A 202 9.72 21.73 23.67
C GLY A 202 10.64 21.13 24.71
N VAL A 203 11.91 21.52 24.65
CA VAL A 203 12.90 21.00 25.60
C VAL A 203 12.57 21.51 27.00
N LYS A 204 11.84 22.63 27.05
CA LYS A 204 11.43 23.22 28.32
C LYS A 204 10.38 22.32 28.97
N ASN A 205 9.43 21.86 28.16
CA ASN A 205 8.38 20.98 28.65
C ASN A 205 8.84 19.54 28.52
N GLY A 206 10.06 19.39 28.01
CA GLY A 206 10.65 18.07 27.86
C GLY A 206 10.04 17.15 26.81
N VAL A 207 10.15 17.53 25.55
CA VAL A 207 9.64 16.69 24.47
C VAL A 207 10.70 15.64 24.21
N HIS A 208 10.32 14.37 24.22
CA HIS A 208 11.28 13.29 24.00
C HIS A 208 11.99 13.34 22.66
N MET A 209 11.22 13.50 21.58
CA MET A 209 11.83 13.57 20.25
C MET A 209 11.36 14.80 19.50
N VAL A 210 12.07 15.12 18.44
CA VAL A 210 11.73 16.27 17.62
C VAL A 210 11.82 15.86 16.15
N PHE A 211 10.70 15.98 15.45
CA PHE A 211 10.65 15.64 14.04
C PHE A 211 11.03 16.88 13.23
N ALA A 212 12.32 17.10 13.02
CA ALA A 212 12.77 18.26 12.25
C ALA A 212 12.14 18.23 10.86
N SER A 213 11.60 19.35 10.42
CA SER A 213 10.93 19.40 9.12
C SER A 213 11.73 20.05 8.01
N PHE A 214 11.62 19.48 6.81
CA PHE A 214 12.29 19.97 5.61
C PHE A 214 13.82 20.03 5.66
N ILE A 215 14.43 18.97 6.18
CA ILE A 215 15.88 18.91 6.25
C ILE A 215 16.45 18.70 4.85
N ARG A 216 17.69 19.14 4.63
CA ARG A 216 18.34 19.00 3.33
C ARG A 216 19.80 18.56 3.45
N THR A 217 20.56 19.26 4.29
CA THR A 217 21.97 18.92 4.49
C THR A 217 22.20 18.46 5.93
N ALA A 218 23.34 17.81 6.16
CA ALA A 218 23.66 17.34 7.51
C ALA A 218 23.68 18.55 8.43
N ASN A 219 24.36 19.60 8.00
CA ASN A 219 24.46 20.85 8.75
C ASN A 219 23.14 21.18 9.43
N ASP A 220 22.05 20.98 8.69
CA ASP A 220 20.70 21.25 9.19
C ASP A 220 20.53 20.56 10.52
N VAL A 221 20.74 19.25 10.52
CA VAL A 221 20.62 18.46 11.74
C VAL A 221 21.54 19.02 12.82
N LEU A 222 22.80 19.25 12.45
CA LEU A 222 23.79 19.80 13.38
C LEU A 222 23.23 21.00 14.13
N THR A 223 22.63 21.93 13.38
CA THR A 223 22.04 23.12 13.96
C THR A 223 20.96 22.73 14.96
N ILE A 224 20.04 21.86 14.54
CA ILE A 224 18.96 21.40 15.40
C ILE A 224 19.56 20.76 16.65
N ARG A 225 20.84 20.40 16.56
CA ARG A 225 21.52 19.77 17.68
C ARG A 225 22.05 20.79 18.66
N GLU A 226 22.71 21.84 18.14
CA GLU A 226 23.26 22.87 18.99
C GLU A 226 22.18 23.83 19.45
N VAL A 227 21.02 23.79 18.79
CA VAL A 227 19.91 24.65 19.16
C VAL A 227 19.16 23.97 20.30
N LEU A 228 19.08 22.65 20.24
CA LEU A 228 18.42 21.89 21.30
C LEU A 228 19.21 22.22 22.56
N GLY A 229 20.48 22.55 22.37
CA GLY A 229 21.35 22.91 23.46
C GLY A 229 21.55 21.86 24.53
N GLU A 230 22.07 22.31 25.68
CA GLU A 230 22.35 21.45 26.82
C GLU A 230 21.15 20.61 27.22
N GLN A 231 19.99 21.26 27.34
CA GLN A 231 18.76 20.57 27.72
C GLN A 231 18.40 19.48 26.71
N GLY A 232 18.70 19.75 25.43
CA GLY A 232 18.40 18.79 24.38
C GLY A 232 18.95 17.40 24.70
N LYS A 233 20.19 17.16 24.28
CA LYS A 233 20.87 15.89 24.53
C LYS A 233 19.97 14.66 24.43
N ASP A 234 19.35 14.29 25.55
CA ASP A 234 18.46 13.14 25.63
C ASP A 234 17.38 13.09 24.54
N VAL A 235 17.03 14.27 24.02
CA VAL A 235 16.02 14.35 22.97
C VAL A 235 16.61 13.99 21.60
N LYS A 236 16.06 12.95 20.98
CA LYS A 236 16.54 12.49 19.68
C LYS A 236 16.02 13.33 18.53
N ILE A 237 16.85 13.50 17.50
CA ILE A 237 16.48 14.29 16.33
C ILE A 237 16.03 13.37 15.21
N ILE A 238 14.82 13.59 14.72
CA ILE A 238 14.27 12.78 13.63
C ILE A 238 14.18 13.66 12.40
N VAL A 239 15.07 13.43 11.44
CA VAL A 239 15.07 14.22 10.22
C VAL A 239 13.91 13.75 9.34
N LYS A 240 13.15 14.70 8.83
CA LYS A 240 12.00 14.45 7.97
C LYS A 240 12.41 14.73 6.52
N ILE A 241 12.56 13.68 5.72
CA ILE A 241 12.97 13.85 4.33
C ILE A 241 11.76 14.28 3.51
N GLU A 242 11.67 15.58 3.21
CA GLU A 242 10.52 16.12 2.48
C GLU A 242 10.73 16.60 1.04
N ASN A 243 11.95 17.03 0.71
CA ASN A 243 12.22 17.53 -0.63
C ASN A 243 13.13 16.56 -1.38
N GLN A 244 13.90 17.08 -2.32
CA GLN A 244 14.79 16.23 -3.08
C GLN A 244 16.14 16.20 -2.36
N GLN A 245 16.59 17.36 -1.89
CA GLN A 245 17.86 17.47 -1.19
C GLN A 245 18.00 16.56 0.03
N GLY A 246 16.89 16.32 0.73
CA GLY A 246 16.93 15.46 1.90
C GLY A 246 17.03 14.01 1.47
N VAL A 247 17.05 13.82 0.16
CA VAL A 247 17.14 12.50 -0.47
C VAL A 247 18.50 12.41 -1.14
N ASN A 248 18.90 13.52 -1.76
CA ASN A 248 20.19 13.59 -2.44
C ASN A 248 21.28 13.41 -1.39
N ASN A 249 21.32 14.32 -0.42
CA ASN A 249 22.32 14.24 0.64
C ASN A 249 21.79 13.49 1.87
N PHE A 250 20.82 12.61 1.65
CA PHE A 250 20.23 11.85 2.75
C PHE A 250 21.26 10.92 3.38
N ASP A 251 22.35 10.67 2.68
CA ASP A 251 23.37 9.78 3.20
C ASP A 251 24.20 10.46 4.28
N GLU A 252 24.69 11.65 3.98
CA GLU A 252 25.48 12.38 4.96
C GLU A 252 24.55 12.77 6.11
N ILE A 253 23.27 12.97 5.79
CA ILE A 253 22.30 13.33 6.81
C ILE A 253 22.15 12.13 7.73
N LEU A 254 21.82 11.00 7.13
CA LEU A 254 21.64 9.76 7.87
C LEU A 254 22.74 9.54 8.91
N LYS A 255 23.94 10.03 8.61
CA LYS A 255 25.09 9.87 9.51
C LYS A 255 24.90 10.53 10.86
N VAL A 256 24.55 11.81 10.83
CA VAL A 256 24.38 12.60 12.04
C VAL A 256 23.06 12.44 12.78
N THR A 257 21.95 12.49 12.05
CA THR A 257 20.64 12.34 12.67
C THR A 257 20.52 11.11 13.57
N ASP A 258 19.40 11.04 14.28
CA ASP A 258 19.12 9.94 15.21
C ASP A 258 18.11 9.01 14.57
N GLY A 259 17.55 9.45 13.45
CA GLY A 259 16.56 8.67 12.75
C GLY A 259 15.94 9.57 11.71
N VAL A 260 15.42 8.97 10.65
CA VAL A 260 14.80 9.77 9.61
C VAL A 260 13.31 9.48 9.53
N MET A 261 12.58 10.37 8.88
CA MET A 261 11.15 10.20 8.73
C MET A 261 10.74 10.34 7.28
N VAL A 262 10.18 9.27 6.73
CA VAL A 262 9.72 9.28 5.35
C VAL A 262 8.56 10.27 5.25
N ALA A 263 8.89 11.49 4.84
CA ALA A 263 7.93 12.58 4.72
C ALA A 263 7.15 12.48 3.41
N ARG A 264 6.41 11.40 3.23
CA ARG A 264 5.64 11.21 2.01
C ARG A 264 4.81 12.43 1.62
N GLY A 265 3.86 12.80 2.47
CA GLY A 265 3.00 13.95 2.21
C GLY A 265 3.56 15.04 1.32
N ASP A 266 4.66 15.64 1.73
CA ASP A 266 5.29 16.71 0.95
C ASP A 266 6.32 16.11 0.00
N LEU A 267 6.74 14.89 0.28
CA LEU A 267 7.68 14.21 -0.59
C LEU A 267 7.02 14.05 -1.95
N GLY A 268 5.87 13.37 -1.94
CA GLY A 268 5.10 13.15 -3.16
C GLY A 268 4.80 14.42 -3.92
N ILE A 269 5.04 15.56 -3.29
CA ILE A 269 4.81 16.83 -3.95
C ILE A 269 6.10 17.27 -4.59
N GLU A 270 7.21 17.13 -3.87
CA GLU A 270 8.50 17.53 -4.40
C GLU A 270 8.93 16.62 -5.55
N ILE A 271 8.99 15.31 -5.29
CA ILE A 271 9.36 14.36 -6.33
C ILE A 271 8.07 13.70 -6.82
N PRO A 272 8.03 13.31 -8.11
CA PRO A 272 6.83 12.66 -8.63
C PRO A 272 6.30 11.57 -7.69
N ALA A 273 5.03 11.70 -7.33
CA ALA A 273 4.36 10.77 -6.43
C ALA A 273 4.74 9.30 -6.62
N PRO A 274 4.78 8.81 -7.86
CA PRO A 274 5.14 7.40 -8.04
C PRO A 274 6.55 7.03 -7.57
N GLU A 275 7.46 8.02 -7.52
CA GLU A 275 8.82 7.77 -7.10
C GLU A 275 8.89 7.53 -5.59
N VAL A 276 7.94 8.10 -4.87
CA VAL A 276 7.89 7.95 -3.42
C VAL A 276 7.77 6.48 -3.02
N LEU A 277 7.36 5.64 -3.97
CA LEU A 277 7.23 4.21 -3.68
C LEU A 277 8.60 3.58 -3.62
N ALA A 278 9.52 4.10 -4.42
CA ALA A 278 10.88 3.60 -4.46
C ALA A 278 11.73 4.34 -3.43
N VAL A 279 11.55 5.65 -3.33
CA VAL A 279 12.31 6.45 -2.37
C VAL A 279 12.07 5.94 -0.95
N GLN A 280 10.85 5.51 -0.67
CA GLN A 280 10.52 4.99 0.64
C GLN A 280 11.34 3.74 0.88
N LYS A 281 10.98 2.66 0.18
CA LYS A 281 11.67 1.38 0.30
C LYS A 281 13.17 1.51 0.46
N LYS A 282 13.75 2.52 -0.20
CA LYS A 282 15.18 2.75 -0.12
C LYS A 282 15.59 3.37 1.21
N LEU A 283 15.06 4.55 1.50
CA LEU A 283 15.37 5.25 2.76
C LEU A 283 15.14 4.34 3.95
N ILE A 284 13.94 3.78 4.06
CA ILE A 284 13.62 2.88 5.16
C ILE A 284 14.68 1.79 5.29
N ALA A 285 15.16 1.29 4.16
CA ALA A 285 16.18 0.25 4.15
C ALA A 285 17.56 0.80 4.48
N LYS A 286 17.86 1.99 3.98
CA LYS A 286 19.14 2.63 4.23
C LYS A 286 19.26 2.98 5.71
N SER A 287 18.11 3.03 6.38
CA SER A 287 18.10 3.35 7.81
C SER A 287 18.28 2.11 8.68
N ASN A 288 17.64 1.01 8.29
CA ASN A 288 17.77 -0.23 9.05
C ASN A 288 19.25 -0.59 9.10
N LEU A 289 19.92 -0.41 7.97
CA LEU A 289 21.34 -0.68 7.85
C LEU A 289 22.12 0.15 8.88
N ALA A 290 21.93 1.47 8.82
CA ALA A 290 22.62 2.38 9.73
C ALA A 290 22.24 2.14 11.17
N GLY A 291 21.12 1.47 11.39
CA GLY A 291 20.68 1.20 12.76
C GLY A 291 19.75 2.25 13.29
N LYS A 292 19.74 3.42 12.66
CA LYS A 292 18.86 4.51 13.08
C LYS A 292 17.42 4.13 12.79
N PRO A 293 16.50 4.49 13.68
CA PRO A 293 15.07 4.17 13.52
C PRO A 293 14.42 4.99 12.42
N VAL A 294 13.37 4.43 11.81
CA VAL A 294 12.68 5.14 10.73
C VAL A 294 11.15 5.13 10.87
N ILE A 295 10.54 6.27 10.59
CA ILE A 295 9.08 6.41 10.68
C ILE A 295 8.46 6.72 9.33
N CYS A 296 7.42 5.97 8.99
CA CYS A 296 6.70 6.15 7.74
C CYS A 296 5.44 6.94 8.08
N ALA A 297 5.15 8.01 7.35
CA ALA A 297 3.97 8.81 7.69
C ALA A 297 3.18 9.45 6.54
N THR A 298 2.01 9.98 6.91
CA THR A 298 1.10 10.68 6.01
C THR A 298 0.16 9.84 5.14
N GLN A 299 -1.14 10.04 5.35
CA GLN A 299 -2.19 9.35 4.60
C GLN A 299 -2.17 7.84 4.72
N MET A 300 -1.57 7.33 5.79
CA MET A 300 -1.49 5.89 5.98
C MET A 300 -2.88 5.32 6.19
N LEU A 301 -3.84 6.21 6.39
CA LEU A 301 -5.23 5.84 6.60
C LEU A 301 -6.09 7.10 6.47
N GLU A 302 -5.76 7.92 5.49
CA GLU A 302 -6.47 9.17 5.23
C GLU A 302 -7.98 8.98 5.20
N SER A 303 -8.43 7.92 4.55
CA SER A 303 -9.86 7.64 4.46
C SER A 303 -10.51 7.55 5.84
N MET A 304 -9.81 6.94 6.79
CA MET A 304 -10.33 6.79 8.15
C MET A 304 -10.59 8.13 8.80
N THR A 305 -10.13 9.20 8.15
CA THR A 305 -10.32 10.55 8.65
C THR A 305 -11.80 10.92 8.58
N TYR A 306 -12.54 10.23 7.73
CA TYR A 306 -13.98 10.46 7.57
C TYR A 306 -14.73 9.14 7.45
N ASN A 307 -14.11 8.05 7.92
CA ASN A 307 -14.75 6.74 7.84
C ASN A 307 -14.19 5.74 8.85
N PRO A 308 -15.05 4.85 9.38
CA PRO A 308 -14.62 3.84 10.35
C PRO A 308 -14.05 2.63 9.64
N ARG A 309 -14.11 2.65 8.30
CA ARG A 309 -13.61 1.58 7.47
C ARG A 309 -12.54 2.09 6.50
N PRO A 310 -11.34 1.51 6.56
CA PRO A 310 -10.22 1.90 5.70
C PRO A 310 -10.26 1.14 4.38
N THR A 311 -9.75 1.76 3.32
CA THR A 311 -9.73 1.12 2.01
C THR A 311 -8.63 0.07 1.91
N ARG A 312 -8.83 -0.92 1.06
CA ARG A 312 -7.87 -2.00 0.87
C ARG A 312 -6.45 -1.47 0.71
N ALA A 313 -6.31 -0.42 -0.08
CA ALA A 313 -5.01 0.20 -0.34
C ALA A 313 -4.39 0.75 0.93
N GLU A 314 -5.25 1.24 1.83
CA GLU A 314 -4.80 1.82 3.08
C GLU A 314 -4.11 0.82 3.99
N VAL A 315 -4.84 -0.21 4.40
CA VAL A 315 -4.25 -1.22 5.28
C VAL A 315 -2.99 -1.79 4.62
N SER A 316 -3.04 -1.96 3.30
CA SER A 316 -1.89 -2.48 2.58
C SER A 316 -0.67 -1.61 2.84
N ASP A 317 -0.85 -0.29 2.73
CA ASP A 317 0.24 0.64 2.96
C ASP A 317 0.80 0.47 4.36
N VAL A 318 -0.09 0.42 5.33
CA VAL A 318 0.32 0.25 6.71
C VAL A 318 1.27 -0.93 6.79
N GLY A 319 0.73 -2.13 6.59
CA GLY A 319 1.51 -3.34 6.65
C GLY A 319 2.79 -3.33 5.83
N ASN A 320 2.68 -2.95 4.56
CA ASN A 320 3.85 -2.91 3.69
C ASN A 320 4.92 -2.00 4.27
N ALA A 321 4.51 -0.81 4.71
CA ALA A 321 5.46 0.14 5.30
C ALA A 321 6.22 -0.62 6.38
N ILE A 322 5.50 -1.39 7.18
CA ILE A 322 6.11 -2.18 8.25
C ILE A 322 7.00 -3.25 7.64
N LEU A 323 6.46 -4.02 6.69
CA LEU A 323 7.21 -5.09 6.05
C LEU A 323 8.45 -4.59 5.32
N ASP A 324 8.49 -3.30 5.00
CA ASP A 324 9.65 -2.74 4.31
C ASP A 324 10.78 -2.68 5.33
N GLY A 325 10.42 -2.39 6.58
CA GLY A 325 11.39 -2.31 7.65
C GLY A 325 11.10 -1.14 8.57
N ALA A 326 9.99 -0.45 8.29
CA ALA A 326 9.58 0.70 9.10
C ALA A 326 9.56 0.39 10.59
N ASP A 327 10.05 1.34 11.37
CA ASP A 327 10.10 1.21 12.82
C ASP A 327 8.83 1.81 13.40
N CYS A 328 8.40 2.91 12.81
CA CYS A 328 7.21 3.61 13.27
C CYS A 328 6.29 4.06 12.14
N VAL A 329 4.99 3.89 12.36
CA VAL A 329 3.97 4.28 11.40
C VAL A 329 3.02 5.23 12.14
N MET A 330 3.08 6.51 11.76
CA MET A 330 2.25 7.51 12.40
C MET A 330 0.94 7.86 11.69
N LEU A 331 0.03 8.48 12.44
CA LEU A 331 -1.27 8.90 11.95
C LEU A 331 -1.30 10.43 12.04
N SER A 332 -1.58 11.08 10.92
CA SER A 332 -1.63 12.53 10.89
C SER A 332 -3.02 13.08 11.24
N GLY A 333 -3.65 13.76 10.27
CA GLY A 333 -4.96 14.33 10.49
C GLY A 333 -6.01 13.26 10.77
N GLU A 334 -5.61 12.00 10.63
CA GLU A 334 -6.50 10.88 10.86
C GLU A 334 -6.99 10.91 12.31
N THR A 335 -6.18 11.50 13.19
CA THR A 335 -6.54 11.60 14.60
C THR A 335 -6.47 13.04 15.07
N ALA A 336 -5.94 13.91 14.23
CA ALA A 336 -5.80 15.33 14.56
C ALA A 336 -7.05 16.11 14.13
N LYS A 337 -8.12 15.39 13.79
CA LYS A 337 -9.37 16.02 13.37
C LYS A 337 -10.36 15.00 12.82
N GLY A 338 -9.85 13.83 12.44
CA GLY A 338 -10.68 12.78 11.90
C GLY A 338 -11.87 12.42 12.78
N ASN A 339 -12.98 12.08 12.14
CA ASN A 339 -14.19 11.70 12.85
C ASN A 339 -14.12 10.28 13.38
N TYR A 340 -12.96 9.66 13.22
CA TYR A 340 -12.75 8.29 13.69
C TYR A 340 -11.29 8.11 14.07
N PRO A 341 -10.90 8.62 15.26
CA PRO A 341 -9.51 8.51 15.74
C PRO A 341 -9.16 7.15 16.30
N ILE A 342 -9.77 6.78 17.42
CA ILE A 342 -9.50 5.49 18.06
C ILE A 342 -9.64 4.34 17.07
N ASN A 343 -10.60 4.47 16.16
CA ASN A 343 -10.83 3.44 15.14
C ASN A 343 -9.63 3.33 14.20
N ALA A 344 -9.10 4.47 13.78
CA ALA A 344 -7.94 4.49 12.90
C ALA A 344 -6.79 3.75 13.59
N VAL A 345 -6.40 4.24 14.76
CA VAL A 345 -5.33 3.63 15.52
C VAL A 345 -5.54 2.12 15.56
N THR A 346 -6.70 1.70 16.05
CA THR A 346 -6.98 0.27 16.14
C THR A 346 -6.67 -0.45 14.83
N THR A 347 -7.27 0.02 13.75
CA THR A 347 -7.04 -0.59 12.44
C THR A 347 -5.56 -0.70 12.13
N MET A 348 -4.79 0.30 12.54
CA MET A 348 -3.36 0.29 12.32
C MET A 348 -2.76 -0.88 13.09
N ALA A 349 -2.85 -0.80 14.41
CA ALA A 349 -2.31 -1.85 15.26
C ALA A 349 -2.64 -3.25 14.73
N GLU A 350 -3.91 -3.49 14.44
CA GLU A 350 -4.34 -4.79 13.95
C GLU A 350 -3.58 -5.17 12.68
N THR A 351 -3.40 -4.20 11.80
CA THR A 351 -2.69 -4.41 10.56
C THR A 351 -1.23 -4.69 10.87
N ALA A 352 -0.69 -3.95 11.84
CA ALA A 352 0.69 -4.10 12.25
C ALA A 352 0.97 -5.50 12.77
N VAL A 353 0.01 -6.11 13.47
CA VAL A 353 0.22 -7.45 14.00
C VAL A 353 0.47 -8.45 12.88
N ILE A 354 -0.33 -8.36 11.83
CA ILE A 354 -0.19 -9.28 10.70
C ILE A 354 1.10 -8.99 9.92
N ALA A 355 1.34 -7.72 9.62
CA ALA A 355 2.53 -7.32 8.89
C ALA A 355 3.78 -8.02 9.43
N GLU A 356 4.12 -7.76 10.68
CA GLU A 356 5.29 -8.37 11.30
C GLU A 356 5.11 -9.86 11.54
N GLN A 357 3.95 -10.39 11.14
CA GLN A 357 3.67 -11.80 11.33
C GLN A 357 4.05 -12.58 10.08
N ALA A 358 4.23 -11.84 8.98
CA ALA A 358 4.60 -12.43 7.70
C ALA A 358 5.98 -11.95 7.28
N ILE A 359 6.89 -11.81 8.24
CA ILE A 359 8.24 -11.36 7.95
C ILE A 359 9.22 -12.52 8.01
N ALA A 360 10.32 -12.39 7.26
CA ALA A 360 11.36 -13.41 7.23
C ALA A 360 12.48 -12.97 8.16
N TYR A 361 12.42 -13.44 9.41
CA TYR A 361 13.38 -13.06 10.42
C TYR A 361 14.76 -13.69 10.29
N LEU A 362 14.81 -15.03 10.27
CA LEU A 362 16.09 -15.73 10.16
C LEU A 362 16.94 -15.20 9.02
N PRO A 363 16.41 -15.24 7.78
CA PRO A 363 17.19 -14.74 6.65
C PRO A 363 17.49 -13.24 6.73
N ASN A 364 16.47 -12.43 7.02
CA ASN A 364 16.68 -11.01 7.12
C ASN A 364 17.83 -10.67 8.06
N TYR A 365 17.89 -11.38 9.18
CA TYR A 365 18.95 -11.18 10.16
C TYR A 365 20.30 -11.45 9.50
N ASP A 366 20.33 -12.50 8.65
CA ASP A 366 21.54 -12.89 7.95
C ASP A 366 21.98 -11.74 7.04
N ASP A 367 21.04 -11.24 6.24
CA ASP A 367 21.29 -10.14 5.32
C ASP A 367 21.84 -8.93 6.08
N MET A 368 21.15 -8.59 7.17
CA MET A 368 21.55 -7.47 8.01
C MET A 368 22.95 -7.69 8.59
N ARG A 369 23.18 -8.90 9.10
CA ARG A 369 24.46 -9.23 9.69
C ARG A 369 25.52 -9.55 8.65
N ASN A 370 25.15 -9.46 7.38
CA ASN A 370 26.10 -9.75 6.31
C ASN A 370 26.62 -8.46 5.70
N CYS A 371 25.82 -7.39 5.81
CA CYS A 371 26.25 -6.11 5.28
C CYS A 371 27.04 -5.47 6.41
N THR A 372 27.43 -6.33 7.33
CA THR A 372 28.22 -6.03 8.51
C THR A 372 28.98 -7.35 8.71
N PRO A 373 30.05 -7.37 9.53
CA PRO A 373 30.64 -6.28 10.31
C PRO A 373 31.60 -5.43 9.50
N LYS A 374 32.87 -5.50 9.90
CA LYS A 374 33.98 -4.79 9.27
C LYS A 374 35.15 -4.41 10.17
N PRO A 375 35.15 -4.83 11.46
CA PRO A 375 34.19 -5.62 12.22
C PRO A 375 33.25 -4.73 13.02
N THR A 376 32.19 -5.35 13.53
CA THR A 376 31.18 -4.66 14.33
C THR A 376 31.75 -4.12 15.62
N SER A 377 30.92 -3.38 16.36
CA SER A 377 31.32 -2.81 17.64
C SER A 377 30.88 -3.77 18.74
N THR A 378 31.60 -3.76 19.85
CA THR A 378 31.32 -4.65 20.96
C THR A 378 29.85 -4.77 21.32
N THR A 379 29.18 -3.65 21.53
CA THR A 379 27.76 -3.69 21.88
C THR A 379 26.90 -4.18 20.71
N GLU A 380 27.36 -3.94 19.48
CA GLU A 380 26.62 -4.39 18.29
C GLU A 380 26.87 -5.88 18.09
N THR A 381 28.09 -6.29 18.42
CA THR A 381 28.49 -7.67 18.29
C THR A 381 27.67 -8.60 19.16
N VAL A 382 27.36 -8.13 20.36
CA VAL A 382 26.58 -8.92 21.30
C VAL A 382 25.11 -8.78 20.97
N ALA A 383 24.76 -7.64 20.36
CA ALA A 383 23.37 -7.41 19.97
C ALA A 383 23.04 -8.46 18.92
N ALA A 384 23.90 -8.57 17.91
CA ALA A 384 23.70 -9.53 16.85
C ALA A 384 23.73 -10.94 17.45
N SER A 385 24.79 -11.20 18.21
CA SER A 385 24.96 -12.49 18.87
C SER A 385 23.74 -12.83 19.73
N ALA A 386 23.17 -11.79 20.35
CA ALA A 386 22.01 -11.95 21.21
C ALA A 386 20.84 -12.46 20.38
N VAL A 387 20.56 -11.77 19.28
CA VAL A 387 19.47 -12.15 18.38
C VAL A 387 19.73 -13.54 17.83
N ALA A 388 21.00 -13.86 17.60
CA ALA A 388 21.37 -15.17 17.09
C ALA A 388 20.82 -16.26 18.00
N ALA A 389 21.19 -16.19 19.27
CA ALA A 389 20.75 -17.16 20.27
C ALA A 389 19.25 -17.34 20.24
N VAL A 390 18.52 -16.25 20.06
CA VAL A 390 17.07 -16.29 19.99
C VAL A 390 16.61 -17.38 19.02
N PHE A 391 17.01 -17.22 17.75
CA PHE A 391 16.64 -18.15 16.69
C PHE A 391 17.03 -19.59 17.01
N GLU A 392 18.08 -19.75 17.80
CA GLU A 392 18.54 -21.08 18.16
C GLU A 392 17.68 -21.72 19.25
N GLN A 393 17.69 -21.11 20.43
CA GLN A 393 16.93 -21.63 21.56
C GLN A 393 15.45 -21.35 21.40
N LYS A 394 15.11 -20.48 20.46
CA LYS A 394 13.73 -20.10 20.22
C LYS A 394 13.25 -19.38 21.49
N ALA A 395 13.99 -18.34 21.86
CA ALA A 395 13.71 -17.55 23.06
C ALA A 395 12.42 -16.75 22.91
N LYS A 396 11.58 -16.81 23.94
CA LYS A 396 10.31 -16.11 23.94
C LYS A 396 10.47 -14.63 24.29
N ALA A 397 11.71 -14.22 24.57
CA ALA A 397 11.99 -12.83 24.91
C ALA A 397 13.47 -12.58 25.22
N ILE A 398 13.92 -11.36 24.94
CA ILE A 398 15.30 -10.96 25.18
C ILE A 398 15.33 -9.73 26.08
N ILE A 399 15.73 -9.92 27.33
CA ILE A 399 15.79 -8.83 28.30
C ILE A 399 17.08 -8.04 28.16
N VAL A 400 16.96 -6.72 28.09
CA VAL A 400 18.13 -5.87 27.94
C VAL A 400 17.95 -4.56 28.70
N LEU A 401 18.85 -4.30 29.65
CA LEU A 401 18.79 -3.06 30.40
C LEU A 401 19.79 -2.09 29.78
N SER A 402 19.40 -0.83 29.71
CA SER A 402 20.26 0.20 29.15
C SER A 402 19.77 1.56 29.60
N THR A 403 20.66 2.54 29.58
CA THR A 403 20.31 3.89 30.02
C THR A 403 20.35 4.93 28.90
N SER A 404 21.01 4.60 27.81
CA SER A 404 21.13 5.52 26.67
C SER A 404 20.28 5.06 25.49
N GLY A 405 19.68 3.88 25.63
CA GLY A 405 18.86 3.34 24.57
C GLY A 405 19.67 2.64 23.51
N THR A 406 20.96 2.96 23.45
CA THR A 406 21.87 2.38 22.47
C THR A 406 21.72 0.87 22.29
N THR A 407 22.03 0.11 23.33
CA THR A 407 21.95 -1.34 23.27
C THR A 407 20.63 -1.87 22.71
N PRO A 408 19.49 -1.51 23.35
CA PRO A 408 18.20 -2.01 22.85
C PRO A 408 18.01 -1.64 21.37
N ARG A 409 18.73 -0.61 20.93
CA ARG A 409 18.66 -0.18 19.54
C ARG A 409 19.32 -1.24 18.68
N LEU A 410 20.63 -1.34 18.82
CA LEU A 410 21.40 -2.30 18.05
C LEU A 410 20.77 -3.67 18.12
N VAL A 411 19.99 -3.92 19.17
CA VAL A 411 19.35 -5.22 19.30
C VAL A 411 18.17 -5.27 18.35
N SER A 412 17.48 -4.13 18.24
CA SER A 412 16.31 -4.00 17.38
C SER A 412 16.68 -4.11 15.91
N LYS A 413 17.86 -3.61 15.55
CA LYS A 413 18.34 -3.66 14.18
C LYS A 413 18.26 -5.09 13.66
N TYR A 414 19.07 -5.96 14.23
CA TYR A 414 19.09 -7.36 13.83
C TYR A 414 17.78 -8.06 14.14
N ARG A 415 16.73 -7.24 14.23
CA ARG A 415 15.36 -7.64 14.52
C ARG A 415 15.05 -9.10 14.79
N PRO A 416 14.73 -9.43 16.04
CA PRO A 416 14.39 -10.80 16.46
C PRO A 416 12.89 -11.05 16.35
N ASN A 417 12.50 -12.30 16.13
CA ASN A 417 11.09 -12.64 16.02
C ASN A 417 10.48 -12.71 17.41
N CYS A 418 11.10 -12.01 18.35
CA CYS A 418 10.61 -11.98 19.72
C CYS A 418 10.72 -10.57 20.28
N PRO A 419 10.00 -10.29 21.39
CA PRO A 419 10.01 -8.98 22.03
C PRO A 419 11.33 -8.62 22.72
N ILE A 420 11.63 -7.34 22.73
CA ILE A 420 12.86 -6.83 23.33
C ILE A 420 12.54 -5.99 24.56
N ILE A 421 12.30 -6.67 25.67
CA ILE A 421 11.98 -6.00 26.92
C ILE A 421 13.17 -5.23 27.45
N LEU A 422 13.08 -3.91 27.44
CA LEU A 422 14.15 -3.06 27.92
C LEU A 422 13.83 -2.51 29.30
N VAL A 423 14.63 -2.90 30.29
CA VAL A 423 14.46 -2.42 31.65
C VAL A 423 15.38 -1.20 31.80
N THR A 424 14.88 -0.15 32.43
CA THR A 424 15.68 1.05 32.58
C THR A 424 15.25 1.92 33.75
N ARG A 425 16.15 2.82 34.15
CA ARG A 425 15.91 3.73 35.25
C ARG A 425 15.47 5.04 34.62
N CYS A 426 16.14 5.43 33.54
CA CYS A 426 15.84 6.67 32.85
C CYS A 426 14.40 6.70 32.37
N PRO A 427 13.72 7.85 32.53
CA PRO A 427 12.33 8.00 32.10
C PRO A 427 12.18 8.46 30.66
N ARG A 428 13.17 9.19 30.17
CA ARG A 428 13.12 9.69 28.80
C ARG A 428 13.47 8.55 27.84
N ALA A 429 14.55 7.84 28.14
CA ALA A 429 14.99 6.71 27.31
C ALA A 429 13.84 5.75 27.06
N ALA A 430 13.22 5.30 28.14
CA ALA A 430 12.09 4.36 28.06
C ALA A 430 10.93 4.96 27.28
N ARG A 431 10.95 6.27 27.08
CA ARG A 431 9.88 6.92 26.34
C ARG A 431 10.19 6.91 24.85
N PHE A 432 11.33 7.47 24.46
CA PHE A 432 11.70 7.50 23.05
C PHE A 432 12.13 6.12 22.56
N SER A 433 12.29 5.20 23.51
CA SER A 433 12.69 3.86 23.15
C SER A 433 11.62 3.26 22.25
N HIS A 434 10.42 3.83 22.31
CA HIS A 434 9.32 3.36 21.49
C HIS A 434 9.67 3.56 20.02
N LEU A 435 10.63 4.44 19.78
CA LEU A 435 11.09 4.76 18.44
C LEU A 435 11.74 3.54 17.78
N TYR A 436 11.89 2.46 18.54
CA TYR A 436 12.50 1.23 18.02
C TYR A 436 11.52 0.06 18.07
N ARG A 437 11.40 -0.64 16.95
CA ARG A 437 10.49 -1.77 16.84
C ARG A 437 10.92 -2.95 17.68
N GLY A 438 9.97 -3.56 18.39
CA GLY A 438 10.28 -4.71 19.22
C GLY A 438 10.58 -4.35 20.65
N VAL A 439 10.88 -3.07 20.88
CA VAL A 439 11.19 -2.60 22.22
C VAL A 439 9.96 -2.40 23.08
N PHE A 440 10.07 -2.80 24.34
CA PHE A 440 9.00 -2.67 25.32
C PHE A 440 9.61 -2.08 26.58
N PRO A 441 9.64 -0.74 26.67
CA PRO A 441 10.21 -0.06 27.83
C PRO A 441 9.48 -0.34 29.14
N PHE A 442 10.25 -0.31 30.23
CA PHE A 442 9.72 -0.54 31.56
C PHE A 442 10.61 0.19 32.54
N VAL A 443 10.06 1.19 33.21
CA VAL A 443 10.85 1.96 34.15
C VAL A 443 10.97 1.26 35.48
N PHE A 444 12.18 1.37 36.04
CA PHE A 444 12.52 0.80 37.33
C PHE A 444 12.68 1.99 38.27
N GLU A 445 11.93 1.97 39.37
CA GLU A 445 12.01 3.06 40.35
C GLU A 445 12.98 2.69 41.46
N LYS A 446 12.97 1.41 41.85
CA LYS A 446 13.87 0.91 42.89
C LYS A 446 15.28 1.48 42.67
N GLU A 447 15.68 2.40 43.54
CA GLU A 447 17.03 2.98 43.44
C GLU A 447 18.04 1.83 43.48
N PRO A 448 19.24 2.03 42.91
CA PRO A 448 20.25 0.97 42.89
C PRO A 448 20.48 0.35 44.26
N VAL A 449 20.71 -0.96 44.29
CA VAL A 449 20.97 -1.65 45.54
C VAL A 449 22.42 -1.42 45.96
N SER A 450 23.21 -2.49 46.07
CA SER A 450 24.60 -2.34 46.49
C SER A 450 25.64 -2.55 45.40
N ASP A 451 25.51 -3.61 44.61
CA ASP A 451 26.48 -3.88 43.55
C ASP A 451 25.94 -3.87 42.12
N TRP A 452 26.85 -3.54 41.22
CA TRP A 452 26.58 -3.49 39.78
C TRP A 452 26.51 -4.95 39.34
N THR A 453 26.32 -5.83 40.32
CA THR A 453 26.25 -7.26 40.08
C THR A 453 24.99 -7.85 40.68
N ASP A 454 24.41 -7.15 41.65
CA ASP A 454 23.18 -7.61 42.28
C ASP A 454 22.04 -6.74 41.80
N ASP A 455 22.37 -5.48 41.52
CA ASP A 455 21.40 -4.52 41.04
C ASP A 455 20.92 -4.90 39.63
N VAL A 456 21.87 -5.00 38.71
CA VAL A 456 21.55 -5.37 37.32
C VAL A 456 20.73 -6.63 37.32
N GLU A 457 21.07 -7.54 38.23
CA GLU A 457 20.37 -8.82 38.35
C GLU A 457 18.92 -8.58 38.78
N ALA A 458 18.75 -7.86 39.89
CA ALA A 458 17.42 -7.55 40.39
C ALA A 458 16.65 -6.82 39.29
N ARG A 459 17.39 -6.14 38.43
CA ARG A 459 16.82 -5.42 37.30
C ARG A 459 16.41 -6.44 36.25
N ILE A 460 17.30 -7.38 35.96
CA ILE A 460 17.05 -8.42 34.97
C ILE A 460 15.82 -9.23 35.33
N ASN A 461 15.73 -9.63 36.60
CA ASN A 461 14.59 -10.42 37.05
C ASN A 461 13.33 -9.57 36.97
N PHE A 462 13.50 -8.26 37.16
CA PHE A 462 12.37 -7.35 37.08
C PHE A 462 11.80 -7.51 35.68
N GLY A 463 12.65 -7.38 34.66
CA GLY A 463 12.20 -7.53 33.30
C GLY A 463 11.39 -8.82 33.15
N ILE A 464 11.90 -9.90 33.73
CA ILE A 464 11.22 -11.18 33.64
C ILE A 464 9.79 -11.09 34.14
N GLU A 465 9.60 -10.42 35.27
CA GLU A 465 8.27 -10.27 35.85
C GLU A 465 7.33 -9.55 34.90
N LYS A 466 7.68 -8.33 34.56
CA LYS A 466 6.87 -7.53 33.64
C LYS A 466 6.55 -8.34 32.40
N ALA A 467 7.54 -9.07 31.89
CA ALA A 467 7.33 -9.91 30.72
C ALA A 467 6.25 -10.93 31.04
N LYS A 468 6.39 -11.58 32.19
CA LYS A 468 5.43 -12.57 32.65
C LYS A 468 4.03 -11.96 32.77
N GLU A 469 4.00 -10.67 33.12
CA GLU A 469 2.74 -9.94 33.26
C GLU A 469 2.08 -9.77 31.91
N PHE A 470 2.89 -9.40 30.91
CA PHE A 470 2.41 -9.19 29.56
C PHE A 470 2.14 -10.52 28.84
N GLY A 471 2.37 -11.62 29.54
CA GLY A 471 2.16 -12.92 28.93
C GLY A 471 3.29 -13.23 27.97
N ILE A 472 4.15 -12.24 27.76
CA ILE A 472 5.29 -12.37 26.86
C ILE A 472 6.14 -13.58 27.16
N LEU A 473 6.21 -13.96 28.44
CA LEU A 473 7.00 -15.11 28.86
C LEU A 473 6.18 -16.14 29.62
N LYS A 474 6.10 -17.34 29.08
CA LYS A 474 5.36 -18.42 29.71
C LYS A 474 6.11 -18.91 30.94
N LYS A 475 5.59 -19.96 31.56
CA LYS A 475 6.20 -20.53 32.74
C LYS A 475 7.67 -20.88 32.48
N GLY A 476 7.94 -22.15 32.25
CA GLY A 476 9.30 -22.58 31.98
C GLY A 476 9.68 -22.30 30.54
N ASP A 477 10.08 -21.06 30.27
CA ASP A 477 10.47 -20.64 28.92
C ASP A 477 11.99 -20.54 28.83
N THR A 478 12.46 -19.77 27.85
CA THR A 478 13.89 -19.55 27.66
C THR A 478 14.04 -18.07 27.34
N TYR A 479 15.17 -17.48 27.71
CA TYR A 479 15.37 -16.08 27.43
C TYR A 479 16.85 -15.70 27.43
N VAL A 480 17.14 -14.56 26.83
CA VAL A 480 18.51 -14.08 26.75
C VAL A 480 18.58 -12.72 27.44
N SER A 481 19.65 -12.50 28.20
CA SER A 481 19.84 -11.25 28.90
C SER A 481 21.04 -10.54 28.31
N ILE A 482 20.98 -9.22 28.22
CA ILE A 482 22.09 -8.45 27.70
C ILE A 482 22.54 -7.41 28.71
N GLN A 483 23.80 -7.51 29.14
CA GLN A 483 24.38 -6.59 30.10
C GLN A 483 25.87 -6.42 29.83
N GLY A 484 26.46 -5.38 30.41
CA GLY A 484 27.88 -5.14 30.20
C GLY A 484 28.75 -5.39 31.40
N PHE A 485 30.04 -5.11 31.24
CA PHE A 485 31.01 -5.30 32.31
C PHE A 485 32.45 -5.19 31.80
N LYS A 486 32.71 -4.15 30.99
CA LYS A 486 34.05 -3.93 30.45
C LYS A 486 34.90 -3.03 31.35
N ALA A 487 36.13 -3.46 31.62
CA ALA A 487 37.09 -2.74 32.46
C ALA A 487 36.87 -1.23 32.51
N GLY A 488 36.20 -0.79 33.56
CA GLY A 488 35.91 0.62 33.73
C GLY A 488 34.75 1.08 32.88
N ALA A 489 35.02 1.41 31.62
CA ALA A 489 34.01 1.89 30.69
C ALA A 489 33.03 0.82 30.21
N GLY A 490 32.59 -0.03 31.13
CA GLY A 490 31.65 -1.08 30.76
C GLY A 490 30.52 -0.54 29.90
N HIS A 491 30.16 -1.31 28.87
CA HIS A 491 29.09 -0.92 27.96
C HIS A 491 28.60 -2.08 27.12
N SER A 492 27.94 -3.04 27.77
CA SER A 492 27.39 -4.21 27.11
C SER A 492 28.45 -5.03 26.37
N ASN A 493 28.51 -6.32 26.71
CA ASN A 493 29.46 -7.26 26.13
C ASN A 493 29.12 -8.65 26.63
N THR A 494 28.13 -8.75 27.50
CA THR A 494 27.72 -10.03 28.06
C THR A 494 26.38 -10.52 27.54
N LEU A 495 26.26 -11.83 27.40
CA LEU A 495 25.05 -12.46 26.92
C LEU A 495 24.69 -13.55 27.91
N GLN A 496 23.40 -13.70 28.19
CA GLN A 496 22.97 -14.71 29.15
C GLN A 496 21.76 -15.50 28.68
N VAL A 497 22.00 -16.74 28.30
CA VAL A 497 20.93 -17.62 27.86
C VAL A 497 20.39 -18.31 29.10
N SER A 498 19.19 -17.93 29.51
CA SER A 498 18.61 -18.54 30.71
C SER A 498 17.19 -19.07 30.52
N THR A 499 16.70 -19.71 31.57
CA THR A 499 15.37 -20.29 31.59
C THR A 499 14.50 -19.50 32.57
N VAL A 500 13.21 -19.40 32.26
CA VAL A 500 12.27 -18.67 33.10
C VAL A 500 11.69 -19.57 34.19
N SER B 2 21.78 -9.06 0.16
CA SER B 2 20.97 -9.33 -1.06
C SER B 2 19.79 -8.36 -1.14
N ARG B 3 18.72 -8.68 -0.43
CA ARG B 3 17.52 -7.84 -0.43
C ARG B 3 17.87 -6.45 0.08
N LEU B 4 18.73 -6.40 1.10
CA LEU B 4 19.14 -5.14 1.69
C LEU B 4 19.98 -4.31 0.71
N GLU B 5 20.92 -4.97 0.04
CA GLU B 5 21.79 -4.30 -0.93
C GLU B 5 20.94 -3.70 -2.03
N ARG B 6 20.11 -4.53 -2.66
CA ARG B 6 19.23 -4.08 -3.74
C ARG B 6 18.36 -2.92 -3.26
N LEU B 7 17.62 -3.15 -2.19
CA LEU B 7 16.74 -2.14 -1.64
C LEU B 7 17.49 -0.86 -1.36
N THR B 8 18.74 -1.02 -0.91
CA THR B 8 19.58 0.13 -0.61
C THR B 8 19.85 0.89 -1.88
N SER B 9 19.99 0.16 -2.98
CA SER B 9 20.27 0.74 -4.28
C SER B 9 19.09 0.63 -5.23
N LEU B 10 18.23 1.65 -5.24
CA LEU B 10 17.07 1.66 -6.11
C LEU B 10 17.18 2.86 -7.05
N SER B 16 13.76 4.68 -20.43
CA SER B 16 13.17 3.73 -19.45
C SER B 16 12.50 2.56 -20.16
N ASP B 17 11.97 1.63 -19.38
CA ASP B 17 11.31 0.46 -19.92
C ASP B 17 9.81 0.64 -20.06
N LEU B 18 9.18 -0.23 -20.84
CA LEU B 18 7.74 -0.18 -21.06
C LEU B 18 7.02 -0.92 -19.94
N ARG B 19 6.00 -0.29 -19.36
CA ARG B 19 5.25 -0.91 -18.29
C ARG B 19 4.85 -2.30 -18.77
N ARG B 20 4.90 -3.28 -17.87
CA ARG B 20 4.57 -4.65 -18.24
C ARG B 20 3.36 -5.23 -17.52
N THR B 21 2.68 -4.42 -16.74
CA THR B 21 1.50 -4.89 -16.02
C THR B 21 0.23 -4.23 -16.52
N SER B 22 -0.72 -5.06 -16.92
CA SER B 22 -1.99 -4.58 -17.44
C SER B 22 -2.69 -3.67 -16.45
N ILE B 23 -3.67 -2.93 -16.95
CA ILE B 23 -4.45 -2.01 -16.13
C ILE B 23 -5.91 -2.15 -16.53
N ILE B 24 -6.61 -3.10 -15.91
CA ILE B 24 -8.03 -3.31 -16.19
C ILE B 24 -8.82 -2.07 -15.81
N GLY B 25 -9.85 -1.75 -16.58
CA GLY B 25 -10.64 -0.57 -16.27
C GLY B 25 -12.14 -0.79 -16.36
N THR B 26 -12.84 -0.52 -15.26
CA THR B 26 -14.29 -0.69 -15.24
C THR B 26 -14.90 0.54 -15.87
N ILE B 27 -15.57 0.34 -17.00
CA ILE B 27 -16.20 1.40 -17.74
C ILE B 27 -17.61 1.71 -17.26
N GLY B 28 -17.82 2.99 -16.92
CA GLY B 28 -19.12 3.42 -16.46
C GLY B 28 -19.71 4.45 -17.42
N PRO B 29 -20.95 4.89 -17.19
CA PRO B 29 -21.59 5.87 -18.06
C PRO B 29 -20.67 7.02 -18.47
N LYS B 30 -20.00 7.62 -17.48
CA LYS B 30 -19.11 8.74 -17.74
C LYS B 30 -17.93 8.41 -18.66
N THR B 31 -17.70 7.12 -18.89
CA THR B 31 -16.60 6.69 -19.74
C THR B 31 -17.09 5.90 -20.95
N ASN B 32 -18.40 5.65 -20.99
CA ASN B 32 -19.01 4.90 -22.07
C ASN B 32 -19.09 5.63 -23.41
N ASN B 33 -17.93 5.94 -24.01
CA ASN B 33 -17.89 6.62 -25.29
C ASN B 33 -16.50 6.58 -25.92
N PRO B 34 -16.40 6.03 -27.15
CA PRO B 34 -15.15 5.90 -27.90
C PRO B 34 -14.10 6.96 -27.59
N GLU B 35 -14.46 8.23 -27.77
CA GLU B 35 -13.52 9.32 -27.50
C GLU B 35 -12.84 9.10 -26.14
N THR B 36 -13.65 9.04 -25.09
CA THR B 36 -13.14 8.82 -23.74
C THR B 36 -12.50 7.44 -23.69
N LEU B 37 -13.27 6.42 -24.05
CA LEU B 37 -12.78 5.06 -24.05
C LEU B 37 -11.41 4.97 -24.73
N VAL B 38 -11.16 5.86 -25.67
CA VAL B 38 -9.88 5.87 -26.36
C VAL B 38 -8.84 6.50 -25.43
N ALA B 39 -9.10 7.73 -25.02
CA ALA B 39 -8.20 8.46 -24.13
C ALA B 39 -7.77 7.58 -22.96
N LEU B 40 -8.68 6.72 -22.52
CA LEU B 40 -8.40 5.80 -21.41
C LEU B 40 -7.33 4.82 -21.87
N ARG B 41 -7.53 4.26 -23.06
CA ARG B 41 -6.58 3.30 -23.61
C ARG B 41 -5.25 3.99 -23.90
N LYS B 42 -5.32 5.27 -24.24
CA LYS B 42 -4.12 6.06 -24.51
C LYS B 42 -3.30 6.22 -23.24
N ALA B 43 -3.98 6.35 -22.11
CA ALA B 43 -3.32 6.49 -20.83
C ALA B 43 -2.59 5.19 -20.52
N GLY B 44 -3.26 4.08 -20.80
CA GLY B 44 -2.66 2.78 -20.55
C GLY B 44 -3.70 1.71 -20.29
N LEU B 45 -4.96 2.01 -20.60
CA LEU B 45 -6.03 1.05 -20.40
C LEU B 45 -5.86 -0.14 -21.34
N ASN B 46 -6.05 -1.34 -20.81
CA ASN B 46 -5.91 -2.56 -21.59
C ASN B 46 -7.19 -3.37 -21.55
N ILE B 47 -7.36 -4.17 -20.50
CA ILE B 47 -8.59 -4.95 -20.37
C ILE B 47 -9.70 -3.99 -19.96
N VAL B 48 -10.94 -4.32 -20.31
CA VAL B 48 -12.07 -3.49 -19.97
C VAL B 48 -13.02 -4.30 -19.10
N ARG B 49 -13.25 -3.84 -17.88
CA ARG B 49 -14.14 -4.53 -16.96
C ARG B 49 -15.59 -4.18 -17.23
N MET B 50 -16.44 -5.19 -17.20
CA MET B 50 -17.87 -5.01 -17.42
C MET B 50 -18.60 -5.52 -16.19
N ASN B 51 -18.82 -4.63 -15.23
CA ASN B 51 -19.51 -4.99 -14.01
C ASN B 51 -21.00 -5.19 -14.32
N PHE B 52 -21.40 -6.44 -14.46
CA PHE B 52 -22.78 -6.78 -14.76
C PHE B 52 -23.67 -6.75 -13.52
N SER B 53 -23.18 -6.12 -12.45
CA SER B 53 -23.93 -6.00 -11.23
C SER B 53 -25.01 -4.96 -11.45
N HIS B 54 -24.67 -3.95 -12.25
CA HIS B 54 -25.58 -2.87 -12.58
C HIS B 54 -25.63 -2.67 -14.08
N GLY B 55 -26.82 -2.36 -14.60
CA GLY B 55 -26.96 -2.14 -16.02
C GLY B 55 -27.67 -3.24 -16.78
N SER B 56 -28.38 -2.85 -17.83
CA SER B 56 -29.12 -3.79 -18.66
C SER B 56 -28.25 -4.26 -19.82
N TYR B 57 -28.73 -5.28 -20.53
CA TYR B 57 -28.01 -5.85 -21.67
C TYR B 57 -27.63 -4.80 -22.71
N GLU B 58 -28.31 -3.66 -22.69
CA GLU B 58 -27.99 -2.58 -23.62
C GLU B 58 -27.02 -1.66 -22.89
N TYR B 59 -27.13 -1.66 -21.57
CA TYR B 59 -26.26 -0.85 -20.72
C TYR B 59 -24.83 -1.35 -20.91
N HIS B 60 -24.71 -2.58 -21.41
CA HIS B 60 -23.40 -3.19 -21.65
C HIS B 60 -23.10 -3.36 -23.13
N LYS B 61 -24.09 -3.83 -23.89
CA LYS B 61 -23.92 -4.03 -25.33
C LYS B 61 -23.46 -2.71 -25.96
N SER B 62 -23.67 -1.62 -25.23
CA SER B 62 -23.29 -0.31 -25.69
C SER B 62 -21.79 -0.11 -25.49
N VAL B 63 -21.27 -0.70 -24.42
CA VAL B 63 -19.85 -0.61 -24.11
C VAL B 63 -19.03 -1.51 -25.03
N ILE B 64 -19.52 -2.73 -25.23
CA ILE B 64 -18.83 -3.68 -26.08
C ILE B 64 -18.56 -3.09 -27.47
N ASP B 65 -19.47 -2.24 -27.92
CA ASP B 65 -19.34 -1.61 -29.24
C ASP B 65 -18.42 -0.40 -29.18
N ASN B 66 -18.64 0.47 -28.19
CA ASN B 66 -17.82 1.66 -28.02
C ASN B 66 -16.37 1.25 -27.88
N ALA B 67 -16.15 0.12 -27.21
CA ALA B 67 -14.82 -0.42 -27.00
C ALA B 67 -14.25 -0.74 -28.39
N ARG B 68 -15.00 -1.57 -29.12
CA ARG B 68 -14.60 -1.97 -30.47
C ARG B 68 -14.36 -0.73 -31.32
N LYS B 69 -15.08 0.34 -31.04
CA LYS B 69 -14.95 1.60 -31.77
C LYS B 69 -13.56 2.21 -31.53
N SER B 70 -13.18 2.30 -30.25
CA SER B 70 -11.89 2.87 -29.86
C SER B 70 -10.76 2.26 -30.67
N GLU B 71 -10.87 0.99 -30.99
CA GLU B 71 -9.84 0.33 -31.78
C GLU B 71 -9.91 0.92 -33.19
N GLU B 72 -11.13 1.03 -33.72
CA GLU B 72 -11.33 1.61 -35.05
C GLU B 72 -10.72 3.00 -35.10
N LEU B 73 -11.23 3.89 -34.26
CA LEU B 73 -10.74 5.27 -34.20
C LEU B 73 -9.22 5.23 -34.12
N TYR B 74 -8.72 4.31 -33.30
CA TYR B 74 -7.28 4.15 -33.14
C TYR B 74 -6.90 2.84 -32.46
N PRO B 75 -6.41 1.88 -33.25
CA PRO B 75 -5.98 0.54 -32.83
C PRO B 75 -5.19 0.51 -31.52
N GLY B 76 -3.97 1.05 -31.55
CA GLY B 76 -3.13 1.06 -30.36
C GLY B 76 -2.76 -0.33 -29.87
N ARG B 77 -3.44 -0.78 -28.82
CA ARG B 77 -3.19 -2.11 -28.26
C ARG B 77 -4.49 -2.88 -28.10
N PRO B 78 -4.55 -4.10 -28.66
CA PRO B 78 -5.71 -4.99 -28.61
C PRO B 78 -6.61 -4.85 -27.38
N LEU B 79 -7.52 -3.87 -27.41
CA LEU B 79 -8.45 -3.63 -26.31
C LEU B 79 -9.22 -4.89 -25.91
N ALA B 80 -9.00 -5.36 -24.69
CA ALA B 80 -9.71 -6.54 -24.21
C ALA B 80 -11.03 -6.17 -23.57
N ILE B 81 -11.95 -7.14 -23.52
CA ILE B 81 -13.28 -6.91 -22.95
C ILE B 81 -13.65 -8.04 -21.99
N ALA B 82 -13.68 -7.71 -20.70
CA ALA B 82 -14.03 -8.70 -19.68
C ALA B 82 -15.48 -8.54 -19.22
N LEU B 83 -16.03 -9.62 -18.68
CA LEU B 83 -17.40 -9.63 -18.21
C LEU B 83 -17.48 -10.03 -16.74
N ASP B 84 -17.62 -9.05 -15.86
CA ASP B 84 -17.70 -9.33 -14.43
C ASP B 84 -19.09 -9.74 -14.02
N THR B 85 -19.29 -11.05 -13.87
CA THR B 85 -20.59 -11.56 -13.47
C THR B 85 -20.98 -10.98 -12.10
N LYS B 86 -22.28 -10.82 -11.89
CA LYS B 86 -22.80 -10.31 -10.63
C LYS B 86 -23.25 -11.55 -9.86
N GLY B 87 -22.28 -12.26 -9.31
CA GLY B 87 -22.54 -13.50 -8.59
C GLY B 87 -23.68 -13.53 -7.59
N PRO B 88 -23.67 -14.51 -6.68
CA PRO B 88 -24.71 -14.64 -5.66
C PRO B 88 -24.59 -13.60 -4.56
N GLU B 89 -24.92 -12.36 -4.91
CA GLU B 89 -24.84 -11.29 -3.94
C GLU B 89 -26.22 -10.99 -3.36
N ILE B 90 -26.24 -10.50 -2.12
CA ILE B 90 -27.48 -10.16 -1.45
C ILE B 90 -27.63 -8.65 -1.54
N ARG B 91 -28.86 -8.17 -1.49
CA ARG B 91 -29.12 -6.74 -1.57
C ARG B 91 -30.40 -6.35 -0.84
N THR B 92 -30.37 -5.18 -0.22
CA THR B 92 -31.51 -4.68 0.52
C THR B 92 -32.59 -4.16 -0.42
N GLY B 93 -33.81 -4.05 0.10
CA GLY B 93 -34.91 -3.55 -0.71
C GLY B 93 -34.90 -2.05 -0.81
N THR B 94 -36.04 -1.48 -1.22
CA THR B 94 -36.17 -0.04 -1.37
C THR B 94 -36.98 0.57 -0.23
N THR B 95 -36.53 1.75 0.23
CA THR B 95 -37.21 2.43 1.32
C THR B 95 -38.63 2.83 0.94
N THR B 96 -39.35 3.39 1.91
CA THR B 96 -40.73 3.82 1.69
C THR B 96 -40.84 4.75 0.49
N ASN B 97 -40.15 5.89 0.56
CA ASN B 97 -40.16 6.86 -0.52
C ASN B 97 -38.77 7.47 -0.59
N ASP B 98 -37.77 6.65 -0.86
CA ASP B 98 -36.39 7.10 -0.92
C ASP B 98 -35.92 7.64 0.44
N PRO B 102 -33.33 7.85 7.54
CA PRO B 102 -33.49 6.76 8.52
C PRO B 102 -32.13 6.38 9.09
N ILE B 103 -31.75 6.99 10.21
CA ILE B 103 -30.45 6.71 10.83
C ILE B 103 -30.49 5.88 12.10
N PRO B 104 -30.29 4.56 11.97
CA PRO B 104 -30.30 3.68 13.15
C PRO B 104 -29.07 3.94 14.03
N PRO B 105 -29.28 4.12 15.35
CA PRO B 105 -28.21 4.37 16.31
C PRO B 105 -27.73 3.13 17.10
N ASN B 106 -28.62 2.16 17.26
CA ASN B 106 -28.32 0.93 17.99
C ASN B 106 -29.62 0.17 18.24
N HIS B 107 -30.68 0.59 17.55
CA HIS B 107 -31.99 -0.04 17.69
C HIS B 107 -32.13 -1.31 16.87
N GLU B 108 -33.00 -2.20 17.34
CA GLU B 108 -33.25 -3.46 16.64
C GLU B 108 -34.34 -3.23 15.61
N MET B 109 -34.62 -4.25 14.79
CA MET B 109 -35.65 -4.15 13.77
C MET B 109 -35.81 -5.45 13.01
N ILE B 110 -36.92 -5.57 12.31
CA ILE B 110 -37.22 -6.77 11.53
C ILE B 110 -36.61 -6.75 10.13
N PHE B 111 -36.29 -7.95 9.64
CA PHE B 111 -35.72 -8.12 8.31
C PHE B 111 -36.58 -9.18 7.62
N THR B 112 -37.31 -8.79 6.58
CA THR B 112 -38.17 -9.72 5.87
C THR B 112 -37.61 -10.10 4.49
N THR B 113 -38.30 -11.03 3.84
CA THR B 113 -37.92 -11.51 2.52
C THR B 113 -39.15 -11.95 1.72
N ASP B 114 -40.30 -11.32 1.97
CA ASP B 114 -41.53 -11.68 1.27
C ASP B 114 -42.04 -10.63 0.26
N ASP B 115 -41.14 -9.77 -0.18
CA ASP B 115 -41.45 -8.72 -1.15
C ASP B 115 -42.51 -7.73 -0.70
N LYS B 116 -43.34 -8.13 0.25
CA LYS B 116 -44.40 -7.27 0.75
C LYS B 116 -43.91 -5.88 1.13
N TYR B 117 -42.71 -5.82 1.70
CA TYR B 117 -42.13 -4.55 2.13
C TYR B 117 -40.94 -4.16 1.26
N ALA B 118 -40.69 -4.94 0.22
CA ALA B 118 -39.58 -4.70 -0.70
C ALA B 118 -39.43 -3.26 -1.17
N LYS B 119 -40.54 -2.55 -1.35
CA LYS B 119 -40.48 -1.17 -1.82
C LYS B 119 -41.04 -0.18 -0.82
N ALA B 120 -40.91 -0.51 0.47
CA ALA B 120 -41.39 0.35 1.52
C ALA B 120 -40.61 0.14 2.80
N CYS B 121 -39.61 -0.72 2.76
CA CYS B 121 -38.80 -0.99 3.95
C CYS B 121 -38.20 0.30 4.48
N ASP B 122 -38.32 0.50 5.79
CA ASP B 122 -37.79 1.70 6.42
C ASP B 122 -37.81 1.60 7.94
N ASP B 123 -36.67 1.88 8.56
CA ASP B 123 -36.53 1.85 10.01
C ASP B 123 -37.08 0.60 10.67
N LYS B 124 -38.36 0.63 11.00
CA LYS B 124 -39.04 -0.49 11.66
C LYS B 124 -39.10 -1.72 10.76
N ILE B 125 -38.27 -1.76 9.73
CA ILE B 125 -38.24 -2.88 8.80
C ILE B 125 -37.23 -2.64 7.68
N MET B 126 -36.79 -3.71 7.03
CA MET B 126 -35.83 -3.60 5.93
C MET B 126 -35.70 -4.94 5.20
N TYR B 127 -35.56 -4.89 3.87
CA TYR B 127 -35.46 -6.11 3.07
C TYR B 127 -34.08 -6.61 2.67
N VAL B 128 -34.04 -7.88 2.27
CA VAL B 128 -32.80 -8.53 1.86
C VAL B 128 -33.07 -9.53 0.74
N ASP B 129 -32.19 -9.55 -0.25
CA ASP B 129 -32.29 -10.44 -1.41
C ASP B 129 -32.42 -11.90 -1.02
N TYR B 130 -31.47 -12.38 -0.22
CA TYR B 130 -31.45 -13.77 0.23
C TYR B 130 -32.78 -14.21 0.84
N LYS B 131 -33.61 -14.85 0.02
CA LYS B 131 -34.91 -15.32 0.46
C LYS B 131 -34.76 -16.48 1.44
N ASN B 132 -33.64 -17.19 1.32
CA ASN B 132 -33.38 -18.33 2.19
C ASN B 132 -32.45 -18.00 3.34
N ILE B 133 -32.15 -16.71 3.51
CA ILE B 133 -31.27 -16.27 4.58
C ILE B 133 -31.76 -16.78 5.93
N THR B 134 -33.07 -16.93 6.07
CA THR B 134 -33.65 -17.40 7.31
C THR B 134 -33.15 -18.79 7.70
N LYS B 135 -32.63 -19.53 6.71
CA LYS B 135 -32.13 -20.88 6.95
C LYS B 135 -30.63 -20.92 7.21
N VAL B 136 -29.88 -20.15 6.43
CA VAL B 136 -28.42 -20.11 6.57
C VAL B 136 -27.95 -19.35 7.81
N ILE B 137 -28.59 -18.20 8.07
CA ILE B 137 -28.23 -17.36 9.21
C ILE B 137 -28.94 -17.80 10.49
N SER B 138 -28.25 -17.63 11.61
CA SER B 138 -28.77 -17.96 12.93
C SER B 138 -28.41 -16.85 13.90
N ALA B 139 -29.05 -16.84 15.06
CA ALA B 139 -28.78 -15.82 16.07
C ALA B 139 -27.28 -15.71 16.29
N GLY B 140 -26.81 -14.50 16.53
CA GLY B 140 -25.39 -14.27 16.77
C GLY B 140 -24.63 -13.78 15.54
N ARG B 141 -25.17 -14.05 14.36
CA ARG B 141 -24.53 -13.64 13.11
C ARG B 141 -24.57 -12.14 12.88
N ILE B 142 -23.46 -11.60 12.40
CA ILE B 142 -23.36 -10.18 12.09
C ILE B 142 -23.62 -9.98 10.61
N ILE B 143 -24.17 -8.82 10.26
CA ILE B 143 -24.47 -8.52 8.86
C ILE B 143 -24.09 -7.09 8.49
N TYR B 144 -23.07 -6.96 7.65
CA TYR B 144 -22.63 -5.65 7.19
C TYR B 144 -23.49 -5.19 6.02
N VAL B 145 -23.73 -3.90 5.94
CA VAL B 145 -24.55 -3.33 4.88
C VAL B 145 -23.87 -2.12 4.26
N ASP B 146 -23.78 -2.10 2.94
CA ASP B 146 -23.17 -1.00 2.21
C ASP B 146 -21.69 -0.82 2.56
N ASP B 147 -20.82 -1.32 1.68
CA ASP B 147 -19.37 -1.22 1.88
C ASP B 147 -18.96 -1.72 3.26
N GLY B 148 -19.82 -2.52 3.88
CA GLY B 148 -19.52 -3.03 5.20
C GLY B 148 -19.43 -1.91 6.22
N VAL B 149 -20.49 -1.11 6.28
CA VAL B 149 -20.53 0.03 7.21
C VAL B 149 -21.42 -0.28 8.41
N LEU B 150 -22.69 -0.58 8.13
CA LEU B 150 -23.64 -0.89 9.18
C LEU B 150 -23.51 -2.34 9.64
N SER B 151 -23.21 -2.50 10.93
CA SER B 151 -23.07 -3.84 11.49
C SER B 151 -24.32 -4.19 12.29
N PHE B 152 -24.93 -5.31 11.94
CA PHE B 152 -26.12 -5.78 12.63
C PHE B 152 -25.80 -7.04 13.42
N GLN B 153 -26.68 -7.41 14.34
CA GLN B 153 -26.45 -8.61 15.14
C GLN B 153 -27.75 -9.40 15.31
N VAL B 154 -27.91 -10.44 14.49
CA VAL B 154 -29.11 -11.27 14.55
C VAL B 154 -29.45 -11.67 15.98
N LEU B 155 -30.43 -11.01 16.56
CA LEU B 155 -30.85 -11.31 17.93
C LEU B 155 -31.54 -12.66 17.97
N GLU B 156 -32.39 -12.92 16.98
CA GLU B 156 -33.10 -14.19 16.91
C GLU B 156 -33.84 -14.38 15.58
N VAL B 157 -33.77 -15.60 15.07
CA VAL B 157 -34.44 -15.93 13.82
C VAL B 157 -35.92 -16.13 14.16
N VAL B 158 -36.78 -15.28 13.63
CA VAL B 158 -38.20 -15.36 13.90
C VAL B 158 -39.02 -15.76 12.68
N ASP B 159 -38.48 -15.46 11.50
CA ASP B 159 -39.13 -15.76 10.23
C ASP B 159 -40.03 -16.99 10.26
N THR B 162 -38.05 -12.85 8.00
CA THR B 162 -38.61 -12.24 9.23
C THR B 162 -37.71 -12.47 10.45
N LEU B 163 -36.40 -12.42 10.25
CA LEU B 163 -35.46 -12.64 11.34
C LEU B 163 -35.15 -11.33 12.06
N LYS B 164 -35.01 -11.40 13.38
CA LYS B 164 -34.72 -10.22 14.19
C LYS B 164 -33.23 -9.90 14.24
N VAL B 165 -32.90 -8.63 14.05
CA VAL B 165 -31.52 -8.16 14.09
C VAL B 165 -31.43 -6.88 14.91
N LYS B 166 -30.22 -6.35 15.05
CA LYS B 166 -30.02 -5.12 15.82
C LYS B 166 -28.78 -4.37 15.37
N ALA B 167 -28.95 -3.09 15.08
CA ALA B 167 -27.83 -2.25 14.64
C ALA B 167 -26.76 -2.23 15.72
N LEU B 168 -25.53 -1.94 15.31
CA LEU B 168 -24.41 -1.90 16.23
C LEU B 168 -23.75 -0.54 16.12
N ASN B 169 -23.79 0.03 14.92
CA ASN B 169 -23.20 1.34 14.68
C ASN B 169 -24.26 2.27 14.09
N ALA B 170 -23.97 3.57 14.10
CA ALA B 170 -24.91 4.55 13.56
C ALA B 170 -25.05 4.40 12.04
N GLY B 171 -25.13 5.54 11.35
CA GLY B 171 -25.26 5.51 9.91
C GLY B 171 -26.70 5.33 9.47
N LYS B 172 -27.10 6.04 8.43
CA LYS B 172 -28.46 5.93 7.93
C LYS B 172 -28.64 4.66 7.10
N ILE B 173 -29.86 4.13 7.09
CA ILE B 173 -30.17 2.94 6.33
C ILE B 173 -30.80 3.31 4.99
N CYS B 174 -29.96 3.35 3.96
CA CYS B 174 -30.38 3.71 2.60
C CYS B 174 -31.04 2.55 1.84
N SER B 175 -31.33 2.78 0.56
CA SER B 175 -31.99 1.78 -0.28
C SER B 175 -31.07 1.02 -1.25
N HIS B 176 -31.34 -0.27 -1.40
CA HIS B 176 -30.60 -1.16 -2.29
C HIS B 176 -29.09 -1.10 -2.15
N LYS B 177 -28.58 -1.63 -1.04
CA LYS B 177 -27.16 -1.68 -0.77
C LYS B 177 -26.77 -3.14 -0.57
N GLY B 178 -25.48 -3.42 -0.60
CA GLY B 178 -25.03 -4.79 -0.42
C GLY B 178 -25.22 -5.30 1.00
N VAL B 179 -25.55 -6.57 1.12
CA VAL B 179 -25.75 -7.20 2.43
C VAL B 179 -24.72 -8.29 2.63
N ASN B 180 -23.60 -7.93 3.22
CA ASN B 180 -22.52 -8.88 3.47
C ASN B 180 -22.73 -9.56 4.82
N LEU B 181 -22.88 -10.88 4.81
CA LEU B 181 -23.08 -11.63 6.05
C LEU B 181 -21.92 -12.59 6.31
N PRO B 182 -20.77 -12.06 6.76
CA PRO B 182 -19.60 -12.89 7.04
C PRO B 182 -19.88 -13.98 8.07
N GLY B 183 -19.18 -15.11 7.92
CA GLY B 183 -19.35 -16.21 8.84
C GLY B 183 -20.58 -17.06 8.57
N THR B 184 -21.12 -16.97 7.35
CA THR B 184 -22.30 -17.74 6.99
C THR B 184 -22.14 -18.43 5.64
N ASP B 185 -22.24 -19.75 5.65
CA ASP B 185 -22.11 -20.52 4.42
C ASP B 185 -23.40 -20.45 3.62
N VAL B 186 -23.50 -19.44 2.75
CA VAL B 186 -24.67 -19.26 1.92
C VAL B 186 -24.86 -20.39 0.92
N ASP B 187 -26.09 -20.90 0.83
CA ASP B 187 -26.42 -21.97 -0.08
C ASP B 187 -26.73 -21.43 -1.47
N LEU B 188 -26.26 -20.22 -1.74
CA LEU B 188 -26.49 -19.59 -3.03
C LEU B 188 -25.50 -20.15 -4.07
N PRO B 189 -25.92 -20.19 -5.35
CA PRO B 189 -25.08 -20.71 -6.43
C PRO B 189 -24.22 -19.60 -7.06
N ALA B 190 -22.95 -19.91 -7.30
CA ALA B 190 -22.03 -18.96 -7.91
C ALA B 190 -22.56 -18.51 -9.26
N LEU B 191 -23.51 -19.27 -9.79
CA LEU B 191 -24.11 -18.95 -11.08
C LEU B 191 -25.63 -19.01 -10.97
N SER B 192 -26.28 -17.87 -11.12
CA SER B 192 -27.73 -17.79 -11.02
C SER B 192 -28.39 -17.94 -12.39
N GLU B 193 -29.70 -18.16 -12.39
CA GLU B 193 -30.46 -18.33 -13.63
C GLU B 193 -30.19 -17.16 -14.58
N LYS B 194 -30.17 -15.95 -14.02
CA LYS B 194 -29.92 -14.75 -14.80
C LYS B 194 -28.44 -14.67 -15.15
N ASP B 195 -27.60 -15.06 -14.20
CA ASP B 195 -26.14 -15.03 -14.38
C ASP B 195 -25.74 -15.68 -15.69
N LYS B 196 -26.31 -16.84 -15.97
CA LYS B 196 -26.02 -17.56 -17.19
C LYS B 196 -26.34 -16.74 -18.44
N GLU B 197 -27.50 -16.10 -18.44
CA GLU B 197 -27.91 -15.28 -19.57
C GLU B 197 -26.83 -14.25 -19.88
N ASP B 198 -26.20 -13.75 -18.83
CA ASP B 198 -25.15 -12.75 -18.99
C ASP B 198 -23.93 -13.40 -19.64
N LEU B 199 -23.65 -14.63 -19.26
CA LEU B 199 -22.52 -15.34 -19.81
C LEU B 199 -22.77 -15.64 -21.29
N ARG B 200 -23.91 -16.26 -21.57
CA ARG B 200 -24.28 -16.58 -22.96
C ARG B 200 -24.27 -15.31 -23.79
N PHE B 201 -24.61 -14.19 -23.15
CA PHE B 201 -24.64 -12.90 -23.82
C PHE B 201 -23.21 -12.48 -24.09
N GLY B 202 -22.37 -12.58 -23.07
CA GLY B 202 -20.98 -12.21 -23.19
C GLY B 202 -20.28 -12.99 -24.29
N VAL B 203 -20.45 -14.31 -24.26
CA VAL B 203 -19.83 -15.16 -25.28
C VAL B 203 -20.46 -14.87 -26.64
N LYS B 204 -21.66 -14.31 -26.62
CA LYS B 204 -22.36 -13.97 -27.84
C LYS B 204 -21.67 -12.78 -28.49
N ASN B 205 -21.32 -11.79 -27.65
CA ASN B 205 -20.66 -10.60 -28.14
C ASN B 205 -19.15 -10.83 -28.09
N GLY B 206 -18.78 -12.02 -27.62
CA GLY B 206 -17.39 -12.40 -27.54
C GLY B 206 -16.54 -11.68 -26.51
N VAL B 207 -16.83 -11.91 -25.23
CA VAL B 207 -16.04 -11.29 -24.18
C VAL B 207 -14.83 -12.20 -23.99
N HIS B 208 -13.64 -11.62 -24.03
CA HIS B 208 -12.41 -12.39 -23.90
C HIS B 208 -12.30 -13.14 -22.59
N MET B 209 -12.51 -12.45 -21.47
CA MET B 209 -12.43 -13.10 -20.17
C MET B 209 -13.68 -12.85 -19.36
N VAL B 210 -13.85 -13.65 -18.30
CA VAL B 210 -15.00 -13.53 -17.42
C VAL B 210 -14.52 -13.59 -15.98
N PHE B 211 -14.79 -12.53 -15.23
CA PHE B 211 -14.40 -12.48 -13.84
C PHE B 211 -15.53 -13.06 -12.99
N ALA B 212 -15.55 -14.38 -12.84
CA ALA B 212 -16.59 -15.04 -12.03
C ALA B 212 -16.57 -14.45 -10.63
N SER B 213 -17.74 -14.10 -10.12
CA SER B 213 -17.84 -13.50 -8.79
C SER B 213 -18.31 -14.44 -7.69
N PHE B 214 -17.72 -14.27 -6.51
CA PHE B 214 -18.05 -15.05 -5.32
C PHE B 214 -17.85 -16.57 -5.43
N ILE B 215 -16.73 -16.99 -6.00
CA ILE B 215 -16.46 -18.41 -6.14
C ILE B 215 -16.09 -18.97 -4.78
N ARG B 216 -16.32 -20.27 -4.59
CA ARG B 216 -16.03 -20.93 -3.33
C ARG B 216 -15.38 -22.30 -3.53
N THR B 217 -15.99 -23.14 -4.37
CA THR B 217 -15.45 -24.47 -4.64
C THR B 217 -15.01 -24.59 -6.09
N ALA B 218 -14.21 -25.61 -6.40
CA ALA B 218 -13.76 -25.80 -7.76
C ALA B 218 -14.98 -25.95 -8.64
N ASN B 219 -15.89 -26.83 -8.20
CA ASN B 219 -17.14 -27.10 -8.91
C ASN B 219 -17.71 -25.82 -9.51
N ASP B 220 -17.64 -24.74 -8.74
CA ASP B 220 -18.13 -23.45 -9.19
C ASP B 220 -17.54 -23.13 -10.55
N VAL B 221 -16.21 -23.13 -10.60
CA VAL B 221 -15.51 -22.84 -11.83
C VAL B 221 -15.98 -23.80 -12.93
N LEU B 222 -15.99 -25.09 -12.61
CA LEU B 222 -16.41 -26.12 -13.54
C LEU B 222 -17.71 -25.72 -14.23
N THR B 223 -18.68 -25.30 -13.42
CA THR B 223 -19.98 -24.88 -13.92
C THR B 223 -19.82 -23.73 -14.90
N ILE B 224 -19.09 -22.70 -14.47
CA ILE B 224 -18.83 -21.53 -15.31
C ILE B 224 -18.17 -21.99 -16.61
N ARG B 225 -17.60 -23.19 -16.57
CA ARG B 225 -16.92 -23.73 -17.73
C ARG B 225 -17.91 -24.38 -18.70
N GLU B 226 -18.79 -25.22 -18.16
CA GLU B 226 -19.77 -25.89 -19.00
C GLU B 226 -20.90 -24.96 -19.39
N VAL B 227 -21.02 -23.84 -18.69
CA VAL B 227 -22.05 -22.86 -18.98
C VAL B 227 -21.55 -21.98 -20.11
N LEU B 228 -20.25 -21.70 -20.11
CA LEU B 228 -19.65 -20.90 -21.16
C LEU B 228 -19.90 -21.68 -22.44
N GLY B 229 -20.03 -22.99 -22.29
CA GLY B 229 -20.29 -23.87 -23.41
C GLY B 229 -19.28 -23.86 -24.52
N GLU B 230 -19.68 -24.42 -25.65
CA GLU B 230 -18.86 -24.52 -26.84
C GLU B 230 -18.23 -23.18 -27.22
N GLN B 231 -19.05 -22.14 -27.25
CA GLN B 231 -18.58 -20.80 -27.62
C GLN B 231 -17.53 -20.31 -26.64
N GLY B 232 -17.68 -20.70 -25.39
CA GLY B 232 -16.73 -20.29 -24.36
C GLY B 232 -15.30 -20.60 -24.76
N LYS B 233 -14.84 -21.80 -24.41
CA LYS B 233 -13.49 -22.26 -24.72
C LYS B 233 -12.42 -21.16 -24.63
N ASP B 234 -12.19 -20.46 -25.74
CA ASP B 234 -11.19 -19.41 -25.82
C ASP B 234 -11.28 -18.38 -24.68
N VAL B 235 -12.47 -18.23 -24.10
CA VAL B 235 -12.67 -17.27 -23.01
C VAL B 235 -12.15 -17.86 -21.70
N LYS B 236 -11.20 -17.16 -21.08
CA LYS B 236 -10.61 -17.60 -19.82
C LYS B 236 -11.48 -17.25 -18.61
N ILE B 237 -11.48 -18.14 -17.63
CA ILE B 237 -12.25 -17.94 -16.40
C ILE B 237 -11.37 -17.39 -15.29
N ILE B 238 -11.75 -16.23 -14.76
CA ILE B 238 -10.99 -15.61 -13.69
C ILE B 238 -11.81 -15.70 -12.41
N VAL B 239 -11.41 -16.59 -11.51
CA VAL B 239 -12.12 -16.74 -10.26
C VAL B 239 -11.81 -15.56 -9.36
N LYS B 240 -12.85 -14.97 -8.79
CA LYS B 240 -12.75 -13.83 -7.88
C LYS B 240 -12.89 -14.34 -6.44
N ILE B 241 -11.80 -14.35 -5.68
CA ILE B 241 -11.85 -14.80 -4.30
C ILE B 241 -12.43 -13.69 -3.42
N GLU B 242 -13.71 -13.82 -3.05
CA GLU B 242 -14.39 -12.79 -2.27
C GLU B 242 -14.77 -13.13 -0.84
N ASN B 243 -15.01 -14.40 -0.55
CA ASN B 243 -15.39 -14.81 0.80
C ASN B 243 -14.25 -15.57 1.46
N GLN B 244 -14.59 -16.43 2.42
CA GLN B 244 -13.58 -17.21 3.09
C GLN B 244 -13.38 -18.53 2.34
N GLN B 245 -14.48 -19.14 1.87
CA GLN B 245 -14.40 -20.41 1.15
C GLN B 245 -13.54 -20.35 -0.12
N GLY B 246 -13.51 -19.19 -0.76
CA GLY B 246 -12.72 -19.05 -1.97
C GLY B 246 -11.25 -18.93 -1.60
N VAL B 247 -11.00 -18.95 -0.30
CA VAL B 247 -9.66 -18.86 0.27
C VAL B 247 -9.34 -20.22 0.89
N ASN B 248 -10.33 -20.80 1.54
CA ASN B 248 -10.16 -22.11 2.15
C ASN B 248 -9.86 -23.12 1.07
N ASN B 249 -10.79 -23.26 0.12
CA ASN B 249 -10.61 -24.21 -0.97
C ASN B 249 -10.00 -23.53 -2.19
N PHE B 250 -9.27 -22.43 -1.96
CA PHE B 250 -8.65 -21.70 -3.06
C PHE B 250 -7.60 -22.53 -3.77
N ASP B 251 -7.15 -23.61 -3.13
CA ASP B 251 -6.14 -24.45 -3.75
C ASP B 251 -6.73 -25.35 -4.83
N GLU B 252 -7.81 -26.04 -4.52
CA GLU B 252 -8.44 -26.90 -5.50
C GLU B 252 -9.05 -26.00 -6.58
N ILE B 253 -9.42 -24.79 -6.20
CA ILE B 253 -9.98 -23.85 -7.16
C ILE B 253 -8.86 -23.48 -8.12
N LEU B 254 -7.76 -22.98 -7.56
CA LEU B 254 -6.59 -22.59 -8.34
C LEU B 254 -6.25 -23.60 -9.43
N LYS B 255 -6.52 -24.88 -9.15
CA LYS B 255 -6.23 -25.96 -10.09
C LYS B 255 -6.98 -25.83 -11.41
N VAL B 256 -8.30 -25.68 -11.32
CA VAL B 256 -9.16 -25.59 -12.49
C VAL B 256 -9.23 -24.24 -13.19
N THR B 257 -9.42 -23.18 -12.42
CA THR B 257 -9.51 -21.84 -13.00
C THR B 257 -8.36 -21.50 -13.94
N ASP B 258 -8.49 -20.37 -14.61
CA ASP B 258 -7.50 -19.90 -15.56
C ASP B 258 -6.71 -18.77 -14.91
N GLY B 259 -7.18 -18.34 -13.75
CA GLY B 259 -6.52 -17.26 -13.04
C GLY B 259 -7.47 -16.81 -11.95
N VAL B 260 -6.92 -16.25 -10.89
CA VAL B 260 -7.77 -15.80 -9.80
C VAL B 260 -7.71 -14.27 -9.67
N MET B 261 -8.69 -13.71 -8.96
CA MET B 261 -8.74 -12.27 -8.75
C MET B 261 -8.86 -11.92 -7.27
N VAL B 262 -7.87 -11.22 -6.76
CA VAL B 262 -7.91 -10.83 -5.36
C VAL B 262 -9.05 -9.86 -5.20
N ALA B 263 -10.19 -10.39 -4.76
CA ALA B 263 -11.40 -9.62 -4.55
C ALA B 263 -11.37 -8.87 -3.21
N ARG B 264 -10.41 -7.96 -3.06
CA ARG B 264 -10.29 -7.22 -1.81
C ARG B 264 -11.61 -6.61 -1.34
N GLY B 265 -12.17 -5.72 -2.15
CA GLY B 265 -13.42 -5.06 -1.82
C GLY B 265 -14.38 -5.81 -0.90
N ASP B 266 -14.80 -6.99 -1.32
CA ASP B 266 -15.73 -7.80 -0.53
C ASP B 266 -14.95 -8.74 0.36
N LEU B 267 -13.69 -8.96 0.03
CA LEU B 267 -12.83 -9.81 0.84
C LEU B 267 -12.71 -9.17 2.21
N GLY B 268 -12.23 -7.92 2.21
CA GLY B 268 -12.07 -7.18 3.45
C GLY B 268 -13.34 -7.10 4.27
N ILE B 269 -14.45 -7.50 3.68
CA ILE B 269 -15.71 -7.48 4.42
C ILE B 269 -15.92 -8.86 5.02
N GLU B 270 -15.63 -9.90 4.25
CA GLU B 270 -15.78 -11.26 4.74
C GLU B 270 -14.78 -11.58 5.83
N ILE B 271 -13.50 -11.43 5.53
CA ILE B 271 -12.45 -11.68 6.50
C ILE B 271 -11.98 -10.33 7.02
N PRO B 272 -11.55 -10.25 8.29
CA PRO B 272 -11.08 -8.97 8.84
C PRO B 272 -10.14 -8.25 7.90
N ALA B 273 -10.48 -7.01 7.58
CA ALA B 273 -9.70 -6.17 6.68
C ALA B 273 -8.18 -6.33 6.78
N PRO B 274 -7.63 -6.34 8.00
CA PRO B 274 -6.18 -6.48 8.12
C PRO B 274 -5.62 -7.80 7.58
N GLU B 275 -6.45 -8.83 7.54
CA GLU B 275 -5.99 -10.13 7.03
C GLU B 275 -5.83 -10.11 5.52
N VAL B 276 -6.56 -9.23 4.86
CA VAL B 276 -6.48 -9.12 3.42
C VAL B 276 -5.07 -8.77 2.96
N LEU B 277 -4.26 -8.25 3.89
CA LEU B 277 -2.89 -7.88 3.55
C LEU B 277 -2.04 -9.14 3.42
N ALA B 278 -2.38 -10.15 4.21
CA ALA B 278 -1.67 -11.41 4.17
C ALA B 278 -2.30 -12.33 3.13
N VAL B 279 -3.64 -12.35 3.09
CA VAL B 279 -4.34 -13.20 2.12
C VAL B 279 -3.94 -12.83 0.70
N GLN B 280 -3.74 -11.55 0.45
CA GLN B 280 -3.34 -11.09 -0.88
C GLN B 280 -1.97 -11.70 -1.18
N LYS B 281 -0.94 -11.20 -0.52
CA LYS B 281 0.43 -11.68 -0.69
C LYS B 281 0.52 -13.18 -0.91
N LYS B 282 -0.35 -13.94 -0.23
CA LYS B 282 -0.35 -15.38 -0.35
C LYS B 282 -0.96 -15.84 -1.68
N LEU B 283 -2.22 -15.48 -1.91
CA LEU B 283 -2.91 -15.86 -3.14
C LEU B 283 -2.10 -15.46 -4.38
N ILE B 284 -1.74 -14.17 -4.45
CA ILE B 284 -0.96 -13.68 -5.58
C ILE B 284 0.27 -14.55 -5.79
N ALA B 285 0.90 -14.98 -4.69
CA ALA B 285 2.09 -15.83 -4.76
C ALA B 285 1.75 -17.26 -5.13
N LYS B 286 0.64 -17.76 -4.59
CA LYS B 286 0.20 -19.13 -4.86
C LYS B 286 -0.18 -19.24 -6.34
N SER B 287 -0.45 -18.10 -6.97
CA SER B 287 -0.83 -18.07 -8.37
C SER B 287 0.38 -18.04 -9.30
N ASN B 288 1.37 -17.23 -8.95
CA ASN B 288 2.59 -17.15 -9.75
C ASN B 288 3.17 -18.56 -9.86
N LEU B 289 3.15 -19.28 -8.76
CA LEU B 289 3.65 -20.63 -8.70
C LEU B 289 2.91 -21.51 -9.72
N ALA B 290 1.58 -21.53 -9.61
CA ALA B 290 0.76 -22.32 -10.51
C ALA B 290 0.86 -21.87 -11.96
N GLY B 291 1.35 -20.66 -12.16
CA GLY B 291 1.49 -20.15 -13.51
C GLY B 291 0.28 -19.36 -13.97
N LYS B 292 -0.84 -19.55 -13.29
CA LYS B 292 -2.07 -18.85 -13.63
C LYS B 292 -1.92 -17.37 -13.30
N PRO B 293 -2.46 -16.48 -14.14
CA PRO B 293 -2.36 -15.04 -13.93
C PRO B 293 -3.23 -14.55 -12.76
N VAL B 294 -2.81 -13.46 -12.14
CA VAL B 294 -3.56 -12.92 -11.01
C VAL B 294 -3.80 -11.40 -11.10
N ILE B 295 -5.02 -10.99 -10.74
CA ILE B 295 -5.38 -9.58 -10.77
C ILE B 295 -5.72 -9.06 -9.37
N CYS B 296 -5.14 -7.92 -9.03
CA CYS B 296 -5.38 -7.28 -7.74
C CYS B 296 -6.37 -6.15 -8.01
N ALA B 297 -7.44 -6.05 -7.21
CA ALA B 297 -8.42 -5.00 -7.47
C ALA B 297 -9.14 -4.37 -6.28
N THR B 298 -9.86 -3.30 -6.58
CA THR B 298 -10.66 -2.54 -5.63
C THR B 298 -9.94 -1.51 -4.75
N GLN B 299 -10.35 -0.25 -4.91
CA GLN B 299 -9.80 0.86 -4.15
C GLN B 299 -8.31 1.08 -4.32
N MET B 300 -7.75 0.61 -5.43
CA MET B 300 -6.32 0.78 -5.69
C MET B 300 -6.00 2.26 -5.87
N LEU B 301 -7.05 3.07 -5.99
CA LEU B 301 -6.90 4.50 -6.15
C LEU B 301 -8.25 5.15 -5.94
N GLU B 302 -8.99 4.65 -4.95
CA GLU B 302 -10.31 5.15 -4.62
C GLU B 302 -10.35 6.66 -4.52
N SER B 303 -9.35 7.26 -3.90
CA SER B 303 -9.31 8.70 -3.75
C SER B 303 -9.38 9.41 -5.11
N MET B 304 -8.70 8.85 -6.11
CA MET B 304 -8.69 9.43 -7.44
C MET B 304 -10.09 9.49 -8.04
N THR B 305 -11.04 8.86 -7.36
CA THR B 305 -12.44 8.85 -7.81
C THR B 305 -13.02 10.26 -7.68
N TYR B 306 -12.42 11.06 -6.81
CA TYR B 306 -12.86 12.44 -6.59
C TYR B 306 -11.68 13.38 -6.50
N ASN B 307 -10.53 12.97 -7.03
CA ASN B 307 -9.33 13.80 -6.97
C ASN B 307 -8.30 13.43 -8.04
N PRO B 308 -7.58 14.44 -8.56
CA PRO B 308 -6.55 14.21 -9.59
C PRO B 308 -5.25 13.80 -8.94
N ARG B 309 -5.22 13.83 -7.61
CA ARG B 309 -4.05 13.48 -6.83
C ARG B 309 -4.34 12.31 -5.89
N PRO B 310 -3.58 11.21 -6.03
CA PRO B 310 -3.74 10.02 -5.19
C PRO B 310 -2.95 10.14 -3.90
N THR B 311 -3.42 9.48 -2.85
CA THR B 311 -2.73 9.54 -1.57
C THR B 311 -1.53 8.61 -1.56
N ARG B 312 -0.54 8.94 -0.73
CA ARG B 312 0.69 8.15 -0.62
C ARG B 312 0.38 6.66 -0.50
N ALA B 313 -0.60 6.34 0.33
CA ALA B 313 -0.99 4.95 0.56
C ALA B 313 -1.50 4.31 -0.72
N GLU B 314 -2.17 5.11 -1.55
CA GLU B 314 -2.72 4.60 -2.80
C GLU B 314 -1.66 4.11 -3.77
N VAL B 315 -0.77 4.99 -4.21
CA VAL B 315 0.29 4.60 -5.14
C VAL B 315 1.08 3.42 -4.55
N SER B 316 1.30 3.46 -3.24
CA SER B 316 2.02 2.38 -2.57
C SER B 316 1.34 1.06 -2.85
N ASP B 317 0.02 1.02 -2.68
CA ASP B 317 -0.75 -0.20 -2.93
C ASP B 317 -0.56 -0.68 -4.35
N VAL B 318 -0.69 0.24 -5.29
CA VAL B 318 -0.52 -0.10 -6.69
C VAL B 318 0.81 -0.84 -6.86
N GLY B 319 1.90 -0.13 -6.67
CA GLY B 319 3.23 -0.70 -6.81
C GLY B 319 3.44 -1.99 -6.04
N ASN B 320 3.11 -1.98 -4.76
CA ASN B 320 3.29 -3.17 -3.94
C ASN B 320 2.53 -4.35 -4.51
N ALA B 321 1.28 -4.11 -4.91
CA ALA B 321 0.47 -5.17 -5.49
C ALA B 321 1.28 -5.78 -6.62
N ILE B 322 1.90 -4.91 -7.42
CA ILE B 322 2.73 -5.35 -8.54
C ILE B 322 3.96 -6.10 -8.01
N LEU B 323 4.68 -5.47 -7.08
CA LEU B 323 5.87 -6.07 -6.49
C LEU B 323 5.60 -7.39 -5.80
N ASP B 324 4.35 -7.65 -5.44
CA ASP B 324 4.01 -8.91 -4.78
C ASP B 324 4.08 -10.00 -5.83
N GLY B 325 3.69 -9.64 -7.05
CA GLY B 325 3.70 -10.58 -8.16
C GLY B 325 2.46 -10.45 -9.01
N ALA B 326 1.63 -9.47 -8.67
CA ALA B 326 0.40 -9.23 -9.41
C ALA B 326 0.63 -9.11 -10.92
N ASP B 327 -0.26 -9.72 -11.69
CA ASP B 327 -0.19 -9.69 -13.15
C ASP B 327 -1.02 -8.51 -13.64
N CYS B 328 -2.15 -8.28 -12.98
CA CYS B 328 -3.03 -7.20 -13.38
C CYS B 328 -3.57 -6.40 -12.20
N VAL B 329 -3.61 -5.09 -12.39
CA VAL B 329 -4.11 -4.17 -11.38
C VAL B 329 -5.24 -3.35 -12.02
N MET B 330 -6.48 -3.64 -11.61
CA MET B 330 -7.63 -2.94 -12.17
C MET B 330 -8.15 -1.74 -11.39
N LEU B 331 -8.92 -0.92 -12.10
CA LEU B 331 -9.53 0.29 -11.54
C LEU B 331 -11.03 0.08 -11.57
N SER B 332 -11.68 0.23 -10.41
CA SER B 332 -13.12 0.04 -10.32
C SER B 332 -13.89 1.34 -10.60
N GLY B 333 -14.60 1.81 -9.58
CA GLY B 333 -15.38 3.03 -9.72
C GLY B 333 -14.51 4.23 -9.99
N GLU B 334 -13.20 4.03 -9.91
CA GLU B 334 -12.26 5.12 -10.16
C GLU B 334 -12.43 5.64 -11.58
N THR B 335 -12.90 4.77 -12.48
CA THR B 335 -13.13 5.15 -13.86
C THR B 335 -14.56 4.86 -14.29
N ALA B 336 -15.30 4.16 -13.44
CA ALA B 336 -16.69 3.83 -13.73
C ALA B 336 -17.64 4.91 -13.22
N LYS B 337 -17.09 6.08 -12.86
CA LYS B 337 -17.89 7.20 -12.36
C LYS B 337 -17.01 8.31 -11.81
N GLY B 338 -15.76 7.99 -11.49
CA GLY B 338 -14.83 8.96 -10.97
C GLY B 338 -14.70 10.21 -11.82
N ASN B 339 -14.51 11.35 -11.15
CA ASN B 339 -14.36 12.63 -11.82
C ASN B 339 -12.96 12.79 -12.40
N TYR B 340 -12.16 11.74 -12.32
CA TYR B 340 -10.80 11.77 -12.84
C TYR B 340 -10.41 10.37 -13.29
N PRO B 341 -10.89 9.95 -14.47
CA PRO B 341 -10.60 8.62 -15.00
C PRO B 341 -9.21 8.50 -15.63
N ILE B 342 -9.00 9.20 -16.74
CA ILE B 342 -7.73 9.15 -17.43
C ILE B 342 -6.57 9.43 -16.48
N ASN B 343 -6.80 10.34 -15.53
CA ASN B 343 -5.77 10.70 -14.55
C ASN B 343 -5.43 9.50 -13.67
N ALA B 344 -6.46 8.78 -13.22
CA ALA B 344 -6.26 7.61 -12.39
C ALA B 344 -5.38 6.63 -13.13
N VAL B 345 -5.85 6.20 -14.31
CA VAL B 345 -5.11 5.26 -15.14
C VAL B 345 -3.65 5.68 -15.22
N THR B 346 -3.43 6.91 -15.68
CA THR B 346 -2.08 7.43 -15.82
C THR B 346 -1.26 7.18 -14.55
N THR B 347 -1.76 7.67 -13.42
CA THR B 347 -1.07 7.50 -12.14
C THR B 347 -0.73 6.05 -11.90
N MET B 348 -1.61 5.15 -12.32
CA MET B 348 -1.37 3.73 -12.15
C MET B 348 -0.16 3.35 -12.98
N ALA B 349 -0.30 3.46 -14.29
CA ALA B 349 0.78 3.12 -15.19
C ALA B 349 2.13 3.65 -14.71
N GLU B 350 2.18 4.93 -14.39
CA GLU B 350 3.42 5.55 -13.92
C GLU B 350 3.97 4.82 -12.70
N THR B 351 3.07 4.47 -11.79
CA THR B 351 3.46 3.75 -10.59
C THR B 351 3.94 2.36 -10.98
N ALA B 352 3.25 1.77 -11.95
CA ALA B 352 3.60 0.44 -12.42
C ALA B 352 5.01 0.39 -12.99
N VAL B 353 5.42 1.46 -13.67
CA VAL B 353 6.75 1.48 -14.26
C VAL B 353 7.82 1.35 -13.19
N ILE B 354 7.68 2.10 -12.10
CA ILE B 354 8.65 2.06 -11.01
C ILE B 354 8.59 0.72 -10.27
N ALA B 355 7.39 0.26 -9.94
CA ALA B 355 7.22 -1.01 -9.24
C ALA B 355 8.07 -2.11 -9.84
N GLU B 356 7.82 -2.43 -11.10
CA GLU B 356 8.57 -3.48 -11.78
C GLU B 356 10.01 -3.05 -12.08
N GLN B 357 10.35 -1.84 -11.67
CA GLN B 357 11.70 -1.33 -11.89
C GLN B 357 12.57 -1.63 -10.68
N ALA B 358 11.92 -1.96 -9.57
CA ALA B 358 12.62 -2.27 -8.34
C ALA B 358 12.38 -3.72 -7.95
N ILE B 359 12.35 -4.60 -8.94
CA ILE B 359 12.13 -6.01 -8.68
C ILE B 359 13.43 -6.81 -8.81
N ALA B 360 13.50 -7.93 -8.11
CA ALA B 360 14.67 -8.80 -8.14
C ALA B 360 14.38 -9.94 -9.11
N TYR B 361 14.77 -9.76 -10.37
CA TYR B 361 14.51 -10.74 -11.41
C TYR B 361 15.36 -12.01 -11.36
N LEU B 362 16.67 -11.85 -11.39
CA LEU B 362 17.57 -13.00 -11.36
C LEU B 362 17.23 -13.97 -10.22
N PRO B 363 17.23 -13.47 -8.98
CA PRO B 363 16.91 -14.35 -7.85
C PRO B 363 15.49 -14.89 -7.89
N ASN B 364 14.52 -14.01 -8.12
CA ASN B 364 13.13 -14.44 -8.16
C ASN B 364 12.95 -15.58 -9.14
N TYR B 365 13.62 -15.50 -10.30
CA TYR B 365 13.53 -16.55 -11.30
C TYR B 365 14.06 -17.85 -10.70
N ASP B 366 15.11 -17.75 -9.91
CA ASP B 366 15.71 -18.91 -9.25
C ASP B 366 14.71 -19.55 -8.31
N ASP B 367 14.09 -18.72 -7.47
CA ASP B 367 13.09 -19.18 -6.52
C ASP B 367 11.96 -19.90 -7.26
N MET B 368 11.44 -19.23 -8.29
CA MET B 368 10.38 -19.76 -9.11
C MET B 368 10.79 -21.09 -9.75
N ARG B 369 11.99 -21.12 -10.33
CA ARG B 369 12.51 -22.32 -10.98
C ARG B 369 13.01 -23.35 -9.98
N ASN B 370 12.93 -23.03 -8.70
CA ASN B 370 13.40 -23.94 -7.68
C ASN B 370 12.24 -24.69 -7.05
N CYS B 371 11.07 -24.07 -7.07
CA CYS B 371 9.89 -24.71 -6.52
C CYS B 371 9.33 -25.55 -7.66
N THR B 372 10.20 -25.78 -8.63
CA THR B 372 9.98 -26.57 -9.83
C THR B 372 11.39 -27.10 -10.12
N PRO B 373 11.52 -28.11 -10.99
CA PRO B 373 10.50 -28.83 -11.76
C PRO B 373 9.86 -29.95 -10.95
N LYS B 374 10.11 -31.19 -11.41
CA LYS B 374 9.62 -32.41 -10.78
C LYS B 374 9.39 -33.62 -11.71
N PRO B 375 9.76 -33.50 -13.00
CA PRO B 375 10.34 -32.39 -13.75
C PRO B 375 9.30 -31.59 -14.51
N THR B 376 9.71 -30.41 -14.97
CA THR B 376 8.84 -29.49 -15.70
C THR B 376 8.34 -30.11 -17.00
N SER B 377 7.46 -29.38 -17.67
CA SER B 377 6.89 -29.83 -18.94
C SER B 377 7.73 -29.21 -20.05
N THR B 378 7.78 -29.89 -21.19
CA THR B 378 8.55 -29.42 -22.33
C THR B 378 8.44 -27.94 -22.64
N THR B 379 7.21 -27.45 -22.76
CA THR B 379 7.01 -26.04 -23.07
C THR B 379 7.42 -25.15 -21.89
N GLU B 380 7.31 -25.69 -20.67
CA GLU B 380 7.68 -24.92 -19.48
C GLU B 380 9.21 -24.93 -19.34
N THR B 381 9.79 -26.06 -19.72
CA THR B 381 11.23 -26.26 -19.66
C THR B 381 11.96 -25.27 -20.54
N VAL B 382 11.41 -25.00 -21.71
CA VAL B 382 12.04 -24.07 -22.64
C VAL B 382 11.67 -22.65 -22.25
N ALA B 383 10.54 -22.50 -21.57
CA ALA B 383 10.09 -21.20 -21.13
C ALA B 383 11.11 -20.72 -20.10
N ALA B 384 11.41 -21.59 -19.15
CA ALA B 384 12.37 -21.28 -18.10
C ALA B 384 13.72 -21.06 -18.77
N SER B 385 14.13 -22.04 -19.58
CA SER B 385 15.39 -21.98 -20.30
C SER B 385 15.48 -20.70 -21.12
N ALA B 386 14.36 -20.28 -21.67
CA ALA B 386 14.29 -19.07 -22.49
C ALA B 386 14.65 -17.86 -21.63
N VAL B 387 13.98 -17.74 -20.48
CA VAL B 387 14.22 -16.65 -19.56
C VAL B 387 15.67 -16.69 -19.08
N ALA B 388 16.19 -17.90 -18.91
CA ALA B 388 17.56 -18.08 -18.46
C ALA B 388 18.51 -17.33 -19.38
N ALA B 389 18.45 -17.68 -20.67
CA ALA B 389 19.29 -17.05 -21.69
C ALA B 389 19.23 -15.53 -21.61
N VAL B 390 18.04 -14.99 -21.36
CA VAL B 390 17.88 -13.55 -21.24
C VAL B 390 18.90 -12.97 -20.28
N PHE B 391 18.86 -13.43 -19.03
CA PHE B 391 19.76 -12.95 -18.00
C PHE B 391 21.23 -13.08 -18.39
N GLU B 392 21.54 -14.09 -19.20
CA GLU B 392 22.91 -14.31 -19.64
C GLU B 392 23.36 -13.33 -20.72
N GLN B 393 22.71 -13.39 -21.88
CA GLN B 393 23.04 -12.51 -23.00
C GLN B 393 22.54 -11.10 -22.77
N LYS B 394 21.67 -10.95 -21.78
CA LYS B 394 21.08 -9.64 -21.48
C LYS B 394 20.24 -9.25 -22.68
N ALA B 395 19.33 -10.14 -23.06
CA ALA B 395 18.44 -9.94 -24.20
C ALA B 395 17.46 -8.80 -23.98
N LYS B 396 17.34 -7.93 -24.98
CA LYS B 396 16.45 -6.79 -24.91
C LYS B 396 15.01 -7.17 -25.21
N ALA B 397 14.77 -8.44 -25.53
CA ALA B 397 13.43 -8.93 -25.83
C ALA B 397 13.40 -10.41 -26.18
N ILE B 398 12.29 -11.06 -25.86
CA ILE B 398 12.11 -12.47 -26.15
C ILE B 398 10.85 -12.66 -27.00
N ILE B 399 11.05 -12.99 -28.27
CA ILE B 399 9.93 -13.20 -29.20
C ILE B 399 9.36 -14.60 -29.08
N VAL B 400 8.05 -14.69 -28.95
CA VAL B 400 7.39 -15.98 -28.82
C VAL B 400 6.03 -15.98 -29.52
N LEU B 401 5.87 -16.90 -30.46
CA LEU B 401 4.62 -17.01 -31.19
C LEU B 401 3.86 -18.18 -30.60
N SER B 402 2.55 -17.99 -30.44
CA SER B 402 1.70 -19.03 -29.90
C SER B 402 0.25 -18.72 -30.28
N THR B 403 -0.58 -19.76 -30.25
CA THR B 403 -1.99 -19.60 -30.62
C THR B 403 -2.96 -19.85 -29.48
N SER B 404 -2.48 -20.48 -28.41
CA SER B 404 -3.32 -20.79 -27.25
C SER B 404 -2.94 -19.92 -26.05
N GLY B 405 -1.89 -19.13 -26.22
CA GLY B 405 -1.43 -18.26 -25.15
C GLY B 405 -0.57 -18.99 -24.15
N THR B 406 -0.67 -20.33 -24.13
CA THR B 406 0.09 -21.17 -23.21
C THR B 406 1.56 -20.78 -23.08
N THR B 407 2.31 -20.93 -24.16
CA THR B 407 3.73 -20.61 -24.14
C THR B 407 4.07 -19.25 -23.56
N PRO B 408 3.52 -18.17 -24.13
CA PRO B 408 3.83 -16.84 -23.59
C PRO B 408 3.49 -16.75 -22.11
N ARG B 409 2.62 -17.65 -21.65
CA ARG B 409 2.24 -17.68 -20.25
C ARG B 409 3.42 -18.20 -19.45
N LEU B 410 3.72 -19.47 -19.64
CA LEU B 410 4.82 -20.11 -18.94
C LEU B 410 6.09 -19.26 -19.04
N VAL B 411 6.17 -18.43 -20.07
CA VAL B 411 7.33 -17.58 -20.22
C VAL B 411 7.23 -16.43 -19.23
N SER B 412 6.01 -15.95 -19.05
CA SER B 412 5.74 -14.84 -18.13
C SER B 412 5.96 -15.24 -16.69
N LYS B 413 5.66 -16.51 -16.37
CA LYS B 413 5.85 -17.01 -15.01
C LYS B 413 7.27 -16.72 -14.54
N TYR B 414 8.24 -17.37 -15.18
CA TYR B 414 9.64 -17.17 -14.83
C TYR B 414 10.10 -15.75 -15.13
N ARG B 415 9.12 -14.85 -15.15
CA ARG B 415 9.28 -13.42 -15.39
C ARG B 415 10.68 -12.88 -15.68
N PRO B 416 10.90 -12.45 -16.93
CA PRO B 416 12.18 -11.89 -17.40
C PRO B 416 12.18 -10.38 -17.25
N ASN B 417 13.36 -9.82 -17.04
CA ASN B 417 13.49 -8.37 -16.89
C ASN B 417 13.39 -7.70 -18.26
N CYS B 418 12.76 -8.39 -19.20
CA CYS B 418 12.60 -7.87 -20.55
C CYS B 418 11.21 -8.18 -21.06
N PRO B 419 10.78 -7.47 -22.12
CA PRO B 419 9.45 -7.68 -22.72
C PRO B 419 9.28 -9.01 -23.43
N ILE B 420 8.05 -9.52 -23.41
CA ILE B 420 7.73 -10.80 -24.05
C ILE B 420 6.80 -10.58 -25.23
N ILE B 421 7.38 -10.18 -26.36
CA ILE B 421 6.61 -9.92 -27.57
C ILE B 421 6.02 -11.22 -28.12
N LEU B 422 4.70 -11.32 -28.06
CA LEU B 422 4.00 -12.50 -28.55
C LEU B 422 3.35 -12.23 -29.89
N VAL B 423 3.81 -12.93 -30.92
CA VAL B 423 3.25 -12.79 -32.26
C VAL B 423 2.20 -13.88 -32.39
N THR B 424 1.05 -13.53 -32.95
CA THR B 424 -0.02 -14.51 -33.10
C THR B 424 -1.00 -14.19 -34.22
N ARG B 425 -1.75 -15.21 -34.62
CA ARG B 425 -2.75 -15.07 -35.67
C ARG B 425 -4.09 -14.87 -34.98
N CYS B 426 -4.32 -15.65 -33.93
CA CYS B 426 -5.57 -15.55 -33.16
C CYS B 426 -5.79 -14.15 -32.61
N PRO B 427 -7.03 -13.66 -32.71
CA PRO B 427 -7.37 -12.31 -32.22
C PRO B 427 -7.80 -12.28 -30.76
N ARG B 428 -8.34 -13.40 -30.28
CA ARG B 428 -8.78 -13.47 -28.89
C ARG B 428 -7.56 -13.68 -27.99
N ALA B 429 -6.70 -14.62 -28.37
CA ALA B 429 -5.49 -14.91 -27.60
C ALA B 429 -4.70 -13.62 -27.35
N ALA B 430 -4.40 -12.90 -28.42
CA ALA B 430 -3.66 -11.65 -28.32
C ALA B 430 -4.39 -10.62 -27.48
N ARG B 431 -5.68 -10.86 -27.23
CA ARG B 431 -6.45 -9.93 -26.42
C ARG B 431 -6.32 -10.28 -24.94
N PHE B 432 -6.68 -11.50 -24.59
CA PHE B 432 -6.59 -11.92 -23.19
C PHE B 432 -5.14 -12.14 -22.76
N SER B 433 -4.25 -12.13 -23.74
CA SER B 433 -2.83 -12.32 -23.46
C SER B 433 -2.38 -11.20 -22.55
N HIS B 434 -3.14 -10.11 -22.54
CA HIS B 434 -2.81 -8.97 -21.69
C HIS B 434 -2.90 -9.39 -20.23
N LEU B 435 -3.60 -10.49 -19.99
CA LEU B 435 -3.77 -11.05 -18.66
C LEU B 435 -2.45 -11.51 -18.07
N TYR B 436 -1.38 -11.47 -18.87
CA TYR B 436 -0.06 -11.88 -18.42
C TYR B 436 0.92 -10.72 -18.49
N ARG B 437 1.65 -10.53 -17.39
CA ARG B 437 2.62 -9.44 -17.29
C ARG B 437 3.83 -9.67 -18.19
N GLY B 438 4.25 -8.61 -18.86
CA GLY B 438 5.40 -8.70 -19.75
C GLY B 438 5.03 -8.99 -21.19
N VAL B 439 3.82 -9.51 -21.38
CA VAL B 439 3.34 -9.85 -22.71
C VAL B 439 2.92 -8.63 -23.52
N PHE B 440 3.27 -8.64 -24.79
CA PHE B 440 2.92 -7.56 -25.72
C PHE B 440 2.38 -8.23 -26.97
N PRO B 441 1.06 -8.46 -27.02
CA PRO B 441 0.45 -9.10 -28.19
C PRO B 441 0.54 -8.28 -29.46
N PHE B 442 0.59 -9.00 -30.58
CA PHE B 442 0.67 -8.40 -31.90
C PHE B 442 0.05 -9.38 -32.88
N VAL B 443 -1.05 -8.96 -33.50
CA VAL B 443 -1.73 -9.82 -34.44
C VAL B 443 -1.09 -9.80 -35.81
N PHE B 444 -1.02 -10.98 -36.40
CA PHE B 444 -0.47 -11.19 -37.72
C PHE B 444 -1.65 -11.50 -38.63
N GLU B 445 -1.80 -10.72 -39.69
CA GLU B 445 -2.91 -10.93 -40.63
C GLU B 445 -2.43 -11.80 -41.81
N LYS B 446 -1.20 -11.59 -42.24
CA LYS B 446 -0.61 -12.36 -43.33
C LYS B 446 -0.92 -13.84 -43.15
N GLU B 447 -1.81 -14.36 -43.99
CA GLU B 447 -2.18 -15.77 -43.91
C GLU B 447 -0.90 -16.60 -44.05
N PRO B 448 -0.89 -17.83 -43.51
CA PRO B 448 0.32 -18.67 -43.58
C PRO B 448 0.92 -18.75 -44.98
N VAL B 449 2.25 -18.77 -45.07
CA VAL B 449 2.92 -18.87 -46.35
C VAL B 449 2.91 -20.33 -46.81
N SER B 450 4.08 -20.92 -47.00
CA SER B 450 4.13 -22.31 -47.46
C SER B 450 4.54 -23.33 -46.41
N ASP B 451 5.61 -23.07 -45.67
CA ASP B 451 6.07 -24.03 -44.66
C ASP B 451 6.04 -23.54 -43.22
N TRP B 452 5.89 -24.51 -42.33
CA TRP B 452 5.86 -24.32 -40.89
C TRP B 452 7.31 -24.03 -40.52
N THR B 453 8.11 -23.70 -41.53
CA THR B 453 9.51 -23.39 -41.31
C THR B 453 9.86 -22.01 -41.89
N ASP B 454 9.04 -21.52 -42.80
CA ASP B 454 9.28 -20.22 -43.41
C ASP B 454 8.27 -19.25 -42.84
N ASP B 455 7.10 -19.78 -42.53
CA ASP B 455 6.02 -18.99 -41.96
C ASP B 455 6.39 -18.51 -40.57
N VAL B 456 6.66 -19.46 -39.67
CA VAL B 456 7.03 -19.15 -38.30
C VAL B 456 8.16 -18.12 -38.32
N GLU B 457 9.07 -18.28 -39.27
CA GLU B 457 10.20 -17.38 -39.42
C GLU B 457 9.72 -15.98 -39.78
N ALA B 458 8.93 -15.89 -40.84
CA ALA B 458 8.40 -14.61 -41.29
C ALA B 458 7.62 -14.00 -40.13
N ARG B 459 7.11 -14.87 -39.28
CA ARG B 459 6.35 -14.46 -38.10
C ARG B 459 7.34 -13.92 -37.08
N ILE B 460 8.42 -14.67 -36.85
CA ILE B 460 9.45 -14.28 -35.89
C ILE B 460 10.05 -12.93 -36.25
N ASN B 461 10.36 -12.73 -37.52
CA ASN B 461 10.93 -11.47 -37.95
C ASN B 461 9.90 -10.36 -37.78
N PHE B 462 8.64 -10.73 -37.93
CA PHE B 462 7.56 -9.77 -37.77
C PHE B 462 7.69 -9.21 -36.35
N GLY B 463 7.75 -10.11 -35.38
CA GLY B 463 7.89 -9.69 -34.00
C GLY B 463 9.03 -8.70 -33.86
N ILE B 464 10.15 -9.01 -34.49
CA ILE B 464 11.32 -8.14 -34.44
C ILE B 464 10.98 -6.72 -34.88
N GLU B 465 10.25 -6.60 -35.98
CA GLU B 465 9.87 -5.29 -36.50
C GLU B 465 9.04 -4.50 -35.48
N LYS B 466 7.90 -5.07 -35.10
CA LYS B 466 7.03 -4.43 -34.13
C LYS B 466 7.84 -4.01 -32.91
N ALA B 467 8.73 -4.89 -32.48
CA ALA B 467 9.58 -4.60 -31.33
C ALA B 467 10.39 -3.35 -31.64
N LYS B 468 11.02 -3.35 -32.81
CA LYS B 468 11.83 -2.22 -33.27
C LYS B 468 10.98 -0.95 -33.30
N GLU B 469 9.70 -1.12 -33.60
CA GLU B 469 8.77 0.01 -33.68
C GLU B 469 8.57 0.60 -32.28
N PHE B 470 8.37 -0.30 -31.32
CA PHE B 470 8.15 0.10 -29.94
C PHE B 470 9.44 0.56 -29.26
N GLY B 471 10.54 0.52 -30.00
CA GLY B 471 11.81 0.92 -29.45
C GLY B 471 12.34 -0.18 -28.53
N ILE B 472 11.50 -1.19 -28.31
CA ILE B 472 11.84 -2.32 -27.45
C ILE B 472 13.17 -2.96 -27.85
N LEU B 473 13.49 -2.92 -29.15
CA LEU B 473 14.73 -3.51 -29.63
C LEU B 473 15.59 -2.51 -30.41
N LYS B 474 16.78 -2.25 -29.90
CA LYS B 474 17.70 -1.32 -30.56
C LYS B 474 18.24 -1.96 -31.83
N LYS B 475 19.17 -1.25 -32.46
CA LYS B 475 19.78 -1.73 -33.70
C LYS B 475 20.37 -3.13 -33.51
N GLY B 476 21.67 -3.21 -33.32
CA GLY B 476 22.32 -4.49 -33.12
C GLY B 476 22.16 -4.95 -31.69
N ASP B 477 21.01 -5.56 -31.39
CA ASP B 477 20.73 -6.05 -30.05
C ASP B 477 20.86 -7.56 -30.02
N THR B 478 20.22 -8.18 -29.03
CA THR B 478 20.24 -9.64 -28.89
C THR B 478 18.81 -10.03 -28.52
N TYR B 479 18.40 -11.23 -28.89
CA TYR B 479 17.06 -11.67 -28.56
C TYR B 479 16.93 -13.18 -28.61
N VAL B 480 15.88 -13.68 -27.98
CA VAL B 480 15.63 -15.10 -27.95
C VAL B 480 14.26 -15.36 -28.58
N SER B 481 14.17 -16.42 -29.37
CA SER B 481 12.94 -16.78 -30.04
C SER B 481 12.45 -18.11 -29.48
N ILE B 482 11.13 -18.25 -29.35
CA ILE B 482 10.57 -19.49 -28.83
C ILE B 482 9.58 -20.07 -29.82
N GLN B 483 9.87 -21.29 -30.28
CA GLN B 483 9.01 -21.97 -31.24
C GLN B 483 9.08 -23.48 -31.02
N GLY B 484 8.14 -24.21 -31.60
CA GLY B 484 8.12 -25.65 -31.43
C GLY B 484 8.44 -26.43 -32.69
N PHE B 485 8.39 -27.75 -32.56
CA PHE B 485 8.67 -28.64 -33.68
C PHE B 485 8.79 -30.09 -33.22
N LYS B 486 7.85 -30.54 -32.39
CA LYS B 486 7.88 -31.92 -31.89
C LYS B 486 7.09 -32.87 -32.79
N ALA B 487 7.69 -34.01 -33.11
CA ALA B 487 7.10 -35.05 -33.97
C ALA B 487 5.57 -35.06 -33.95
N GLY B 488 4.98 -34.43 -34.96
CA GLY B 488 3.53 -34.37 -35.06
C GLY B 488 2.92 -33.31 -34.15
N ALA B 489 2.69 -33.68 -32.90
CA ALA B 489 2.10 -32.80 -31.90
C ALA B 489 3.03 -31.67 -31.43
N GLY B 490 3.76 -31.07 -32.37
CA GLY B 490 4.66 -29.99 -32.00
C GLY B 490 4.01 -28.98 -31.07
N HIS B 491 4.74 -28.54 -30.05
CA HIS B 491 4.23 -27.58 -29.09
C HIS B 491 5.34 -26.94 -28.27
N SER B 492 6.15 -26.12 -28.93
CA SER B 492 7.26 -25.41 -28.30
C SER B 492 8.26 -26.35 -27.63
N ASN B 493 9.53 -26.21 -28.03
CA ASN B 493 10.62 -27.01 -27.52
C ASN B 493 11.93 -26.44 -28.04
N THR B 494 11.83 -25.40 -28.87
CA THR B 494 13.00 -24.79 -29.46
C THR B 494 13.29 -23.40 -28.93
N LEU B 495 14.58 -23.09 -28.82
CA LEU B 495 15.03 -21.80 -28.33
C LEU B 495 16.00 -21.24 -29.35
N GLN B 496 15.94 -19.94 -29.58
CA GLN B 496 16.83 -19.33 -30.56
C GLN B 496 17.43 -18.01 -30.08
N VAL B 497 18.72 -18.07 -29.75
CA VAL B 497 19.44 -16.90 -29.30
C VAL B 497 19.98 -16.20 -30.53
N SER B 498 19.41 -15.06 -30.88
CA SER B 498 19.87 -14.36 -32.06
C SER B 498 20.18 -12.88 -31.85
N THR B 499 20.69 -12.26 -32.91
CA THR B 499 21.04 -10.85 -32.90
C THR B 499 20.08 -10.09 -33.81
N VAL B 500 19.79 -8.84 -33.45
CA VAL B 500 18.89 -7.99 -34.23
C VAL B 500 19.63 -7.25 -35.33
#